data_3LGS
#
_entry.id   3LGS
#
_cell.length_a   45.850
_cell.length_b   126.410
_cell.length_c   83.810
_cell.angle_alpha   90.00
_cell.angle_beta   101.73
_cell.angle_gamma   90.00
#
_symmetry.space_group_name_H-M   'P 1 21 1'
#
loop_
_entity.id
_entity.type
_entity.pdbx_description
1 polymer "5'-methylthioadenosine nucleosidases"
2 non-polymer S-ADENOSYL-L-HOMOCYSTEINE
3 non-polymer ADENINE
4 non-polymer 1,2-ETHANEDIOL
5 water water
#
_entity_poly.entity_id   1
_entity_poly.type   'polypeptide(L)'
_entity_poly.pdbx_seq_one_letter_code
;MAPHGDGLSDIEEPEVDAQSEILRPISSVVFVIAMQAEALPLVNKFGLSETTDSPLGKGLPWVLYHGVHKDLRINVVCPG
RDAALGIDSVGTVPASLITFASIQALKPDIIINAGTCGGFKVKGANIGDVFLVSDVVFHDRRIPIPMFDLYGVGLRQAFS
TPNLLKELNLKIGRLSTGDSLDMSTQDETLIIANDATLKDMEGAAVAYVADLLKIPVVFLKAVTDLVDGDKPTAEEFLQN
LTVVTAALEGTATKVINFINGRNLSDL
;
_entity_poly.pdbx_strand_id   A,B,C,D
#
# COMPACT_ATOMS: atom_id res chain seq x y z
N ILE A 22 -23.50 13.47 21.09
CA ILE A 22 -24.14 14.79 20.75
C ILE A 22 -23.08 15.84 20.44
N LEU A 23 -23.31 16.64 19.40
CA LEU A 23 -22.36 17.69 19.03
C LEU A 23 -22.48 18.92 19.93
N ARG A 24 -21.39 19.67 20.03
CA ARG A 24 -21.26 20.77 20.98
C ARG A 24 -20.44 21.90 20.38
N PRO A 25 -20.62 23.12 20.93
CA PRO A 25 -19.69 24.19 20.58
C PRO A 25 -18.24 23.79 20.91
N ILE A 26 -17.29 24.25 20.07
CA ILE A 26 -15.87 24.08 20.32
C ILE A 26 -15.51 24.44 21.77
N SER A 27 -14.84 23.51 22.44
CA SER A 27 -14.48 23.69 23.85
C SER A 27 -12.96 23.81 24.09
N SER A 28 -12.16 23.40 23.10
CA SER A 28 -10.71 23.26 23.28
C SER A 28 -9.96 23.61 21.98
N VAL A 29 -8.97 24.51 22.09
CA VAL A 29 -8.14 24.84 20.93
C VAL A 29 -6.67 24.62 21.24
N VAL A 30 -5.95 24.03 20.29
CA VAL A 30 -4.48 23.99 20.37
C VAL A 30 -3.89 24.93 19.33
N PHE A 31 -2.98 25.80 19.78
CA PHE A 31 -2.07 26.55 18.90
C PHE A 31 -0.73 25.84 18.81
N VAL A 32 -0.25 25.68 17.58
CA VAL A 32 1.08 25.16 17.35
C VAL A 32 1.91 26.31 16.80
N ILE A 33 2.84 26.82 17.60
CA ILE A 33 3.64 27.98 17.20
C ILE A 33 5.13 27.64 17.29
N ALA A 34 5.86 27.82 16.19
CA ALA A 34 7.27 27.37 16.11
C ALA A 34 8.30 28.18 16.91
N MET A 35 8.05 29.48 17.08
CA MET A 35 8.96 30.38 17.83
C MET A 35 8.35 30.93 19.12
N GLN A 36 9.09 30.85 20.23
CA GLN A 36 8.55 31.31 21.52
C GLN A 36 8.12 32.78 21.53
N ALA A 37 8.90 33.64 20.88
CA ALA A 37 8.55 35.06 20.78
C ALA A 37 7.23 35.27 20.04
N GLU A 38 6.91 34.38 19.09
CA GLU A 38 5.64 34.47 18.36
C GLU A 38 4.47 34.04 19.24
N ALA A 39 4.74 33.16 20.19
CA ALA A 39 3.74 32.66 21.10
C ALA A 39 3.44 33.61 22.27
N LEU A 40 4.45 34.32 22.78
CA LEU A 40 4.33 35.16 23.99
CA LEU A 40 4.31 35.13 24.00
C LEU A 40 3.25 36.25 23.93
N PRO A 41 3.17 37.03 22.82
CA PRO A 41 2.11 38.05 22.79
C PRO A 41 0.73 37.46 23.03
N LEU A 42 0.52 36.26 22.48
CA LEU A 42 -0.74 35.54 22.60
C LEU A 42 -0.95 35.01 24.02
N VAL A 43 0.14 34.52 24.60
CA VAL A 43 0.17 34.08 26.00
C VAL A 43 -0.22 35.23 26.92
N ASN A 44 0.40 36.39 26.70
CA ASN A 44 0.16 37.58 27.55
C ASN A 44 -1.27 38.07 27.43
N LYS A 45 -1.76 38.19 26.19
CA LYS A 45 -3.11 38.64 25.89
C LYS A 45 -4.19 37.86 26.65
N PHE A 46 -4.02 36.56 26.77
CA PHE A 46 -5.08 35.72 27.32
C PHE A 46 -4.76 35.22 28.72
N GLY A 47 -3.66 35.73 29.29
CA GLY A 47 -3.22 35.36 30.64
C GLY A 47 -3.01 33.87 30.81
N LEU A 48 -2.40 33.23 29.81
CA LEU A 48 -2.10 31.80 29.88
C LEU A 48 -0.88 31.62 30.76
N SER A 49 -0.77 30.47 31.43
CA SER A 49 0.43 30.17 32.21
C SER A 49 1.16 28.93 31.71
N GLU A 50 2.47 28.91 31.91
CA GLU A 50 3.29 27.78 31.50
C GLU A 50 3.01 26.56 32.39
N THR A 51 2.70 25.43 31.75
CA THR A 51 2.48 24.17 32.45
C THR A 51 3.75 23.66 33.13
N THR A 52 3.58 23.16 34.36
CA THR A 52 4.67 22.57 35.16
C THR A 52 4.57 21.03 35.22
N ASP A 53 3.42 20.48 34.81
CA ASP A 53 3.19 19.03 34.92
C ASP A 53 3.67 18.14 33.74
N SER A 54 4.45 18.71 32.81
CA SER A 54 5.00 17.95 31.67
C SER A 54 3.98 17.02 30.99
N PRO A 55 2.86 17.58 30.48
CA PRO A 55 1.78 16.75 29.94
C PRO A 55 2.15 15.96 28.68
N LEU A 56 3.21 16.39 27.99
CA LEU A 56 3.59 15.79 26.70
C LEU A 56 4.77 14.82 26.84
N GLY A 57 5.31 14.70 28.05
CA GLY A 57 6.47 13.87 28.32
C GLY A 57 7.56 14.65 29.01
N LYS A 58 8.35 13.94 29.81
CA LYS A 58 9.43 14.50 30.64
C LYS A 58 10.75 14.65 29.90
N GLY A 59 11.56 15.61 30.35
CA GLY A 59 12.90 15.81 29.81
C GLY A 59 12.92 16.41 28.41
N LEU A 60 11.86 17.12 28.03
CA LEU A 60 11.81 17.74 26.70
C LEU A 60 11.86 19.25 26.78
N PRO A 61 12.36 19.91 25.71
CA PRO A 61 12.43 21.37 25.71
C PRO A 61 11.10 22.03 25.34
N TRP A 62 10.11 21.22 24.98
CA TRP A 62 8.80 21.74 24.56
C TRP A 62 8.15 22.56 25.66
N VAL A 63 7.54 23.66 25.23
CA VAL A 63 6.84 24.56 26.13
C VAL A 63 5.34 24.60 25.81
N LEU A 64 4.53 24.42 26.84
CA LEU A 64 3.09 24.47 26.71
C LEU A 64 2.51 25.52 27.63
N TYR A 65 1.62 26.35 27.07
CA TYR A 65 0.87 27.32 27.85
C TYR A 65 -0.61 26.98 27.81
N HIS A 66 -1.28 27.01 28.96
CA HIS A 66 -2.72 26.78 28.98
C HIS A 66 -3.49 27.84 29.76
N GLY A 67 -4.74 28.01 29.37
CA GLY A 67 -5.67 28.89 30.08
C GLY A 67 -7.09 28.67 29.61
N VAL A 68 -7.98 29.48 30.15
CA VAL A 68 -9.40 29.43 29.82
C VAL A 68 -9.85 30.85 29.54
N HIS A 69 -10.28 31.11 28.31
CA HIS A 69 -10.91 32.39 27.99
C HIS A 69 -12.37 32.13 27.65
N LYS A 70 -13.25 32.60 28.52
CA LYS A 70 -14.69 32.38 28.40
C LYS A 70 -15.06 30.90 28.26
N ASP A 71 -15.63 30.50 27.13
CA ASP A 71 -16.11 29.11 26.99
C ASP A 71 -15.06 28.14 26.39
N LEU A 72 -13.82 28.63 26.26
CA LEU A 72 -12.78 27.92 25.52
C LEU A 72 -11.52 27.67 26.33
N ARG A 73 -11.10 26.42 26.43
CA ARG A 73 -9.79 26.12 26.97
CA ARG A 73 -9.79 26.08 26.96
C ARG A 73 -8.76 26.28 25.85
N ILE A 74 -7.67 27.00 26.17
CA ILE A 74 -6.67 27.36 25.17
C ILE A 74 -5.30 26.80 25.51
N ASN A 75 -4.77 26.00 24.60
CA ASN A 75 -3.41 25.49 24.71
C ASN A 75 -2.52 26.05 23.62
N VAL A 76 -1.35 26.56 24.02
CA VAL A 76 -0.35 27.01 23.05
C VAL A 76 0.90 26.18 23.22
N VAL A 77 1.32 25.49 22.16
CA VAL A 77 2.49 24.61 22.25
C VAL A 77 3.62 25.08 21.32
N CYS A 78 4.85 25.05 21.82
CA CYS A 78 6.02 25.45 21.04
C CYS A 78 7.05 24.33 21.17
N PRO A 79 7.87 24.10 20.11
CA PRO A 79 8.89 23.05 20.05
C PRO A 79 10.08 23.33 20.96
N GLY A 80 10.11 24.51 21.54
CA GLY A 80 11.12 24.81 22.53
C GLY A 80 12.43 25.30 21.97
N ARG A 81 13.21 25.88 22.86
CA ARG A 81 14.52 26.39 22.52
C ARG A 81 15.48 25.24 22.54
N ASP A 82 16.30 25.16 21.49
CA ASP A 82 17.30 24.13 21.28
C ASP A 82 18.37 24.14 22.39
N ALA A 83 18.95 22.96 22.66
CA ALA A 83 19.86 22.78 23.80
C ALA A 83 21.18 23.52 23.66
N ALA A 84 21.66 23.70 22.43
CA ALA A 84 22.97 24.30 22.18
C ALA A 84 23.04 25.81 22.46
N LEU A 85 22.25 26.59 21.73
CA LEU A 85 22.33 28.06 21.75
C LEU A 85 21.04 28.76 22.20
N GLY A 86 19.95 28.00 22.26
CA GLY A 86 18.70 28.55 22.74
C GLY A 86 17.76 29.03 21.65
N ILE A 87 18.07 28.71 20.40
CA ILE A 87 17.21 29.12 19.31
C ILE A 87 15.98 28.21 19.18
N ASP A 88 14.87 28.78 18.69
CA ASP A 88 13.66 28.02 18.43
C ASP A 88 13.92 26.78 17.58
N SER A 89 13.33 25.65 17.97
CA SER A 89 13.52 24.42 17.21
C SER A 89 12.51 24.43 16.07
N VAL A 90 12.84 25.17 15.02
CA VAL A 90 11.99 25.33 13.84
C VAL A 90 12.06 24.08 12.93
N GLY A 91 11.17 24.06 11.94
CA GLY A 91 11.15 22.99 10.96
C GLY A 91 10.03 21.99 11.16
N THR A 92 9.84 21.12 10.16
CA THR A 92 8.74 20.18 10.13
C THR A 92 8.80 19.10 11.18
N VAL A 93 9.99 18.62 11.54
CA VAL A 93 10.07 17.50 12.49
C VAL A 93 9.57 17.88 13.91
N PRO A 94 10.15 18.95 14.51
CA PRO A 94 9.70 19.36 15.85
C PRO A 94 8.23 19.80 15.89
N ALA A 95 7.77 20.50 14.86
CA ALA A 95 6.37 20.91 14.77
C ALA A 95 5.44 19.68 14.74
N SER A 96 5.88 18.66 14.01
CA SER A 96 5.04 17.50 13.79
C SER A 96 5.00 16.63 15.07
N LEU A 97 6.11 16.62 15.80
CA LEU A 97 6.15 15.98 17.12
C LEU A 97 5.19 16.63 18.13
N ILE A 98 5.26 17.96 18.27
CA ILE A 98 4.39 18.65 19.24
C ILE A 98 2.93 18.59 18.84
N THR A 99 2.63 18.66 17.55
CA THR A 99 1.27 18.46 17.06
C THR A 99 0.79 17.08 17.54
N PHE A 100 1.59 16.06 17.23
CA PHE A 100 1.27 14.69 17.61
C PHE A 100 1.05 14.56 19.12
N ALA A 101 2.05 14.97 19.90
CA ALA A 101 1.95 14.82 21.35
C ALA A 101 0.78 15.64 21.94
N SER A 102 0.55 16.84 21.42
CA SER A 102 -0.56 17.70 21.88
C SER A 102 -1.93 17.12 21.60
N ILE A 103 -2.12 16.57 20.40
CA ILE A 103 -3.39 15.92 20.07
C ILE A 103 -3.70 14.79 21.06
N GLN A 104 -2.72 13.93 21.30
CA GLN A 104 -2.91 12.74 22.15
C GLN A 104 -3.15 13.08 23.64
N ALA A 105 -2.43 14.07 24.15
CA ALA A 105 -2.50 14.42 25.56
C ALA A 105 -3.65 15.39 25.81
N LEU A 106 -3.80 16.35 24.91
CA LEU A 106 -4.70 17.49 25.14
C LEU A 106 -6.07 17.37 24.48
N LYS A 107 -6.21 16.46 23.52
CA LYS A 107 -7.50 16.15 22.89
C LYS A 107 -8.30 17.37 22.44
N PRO A 108 -7.71 18.20 21.53
CA PRO A 108 -8.32 19.45 21.09
C PRO A 108 -9.41 19.23 20.06
N ASP A 109 -10.34 20.19 19.99
CA ASP A 109 -11.37 20.16 18.98
C ASP A 109 -10.82 20.64 17.64
N ILE A 110 -9.85 21.56 17.71
CA ILE A 110 -9.31 22.24 16.54
C ILE A 110 -7.89 22.70 16.82
N ILE A 111 -7.05 22.65 15.79
CA ILE A 111 -5.67 23.12 15.91
C ILE A 111 -5.51 24.38 15.08
N ILE A 112 -4.82 25.37 15.62
CA ILE A 112 -4.41 26.49 14.81
C ILE A 112 -2.90 26.55 14.75
N ASN A 113 -2.38 26.51 13.53
CA ASN A 113 -0.95 26.68 13.29
C ASN A 113 -0.73 28.13 12.90
N ALA A 114 -0.22 28.90 13.86
CA ALA A 114 0.07 30.32 13.71
C ALA A 114 1.58 30.54 13.64
N GLY A 115 2.00 31.34 12.66
CA GLY A 115 3.42 31.57 12.46
C GLY A 115 3.68 32.62 11.42
N THR A 116 4.95 32.79 11.10
CA THR A 116 5.38 33.73 10.11
C THR A 116 5.69 32.95 8.84
N CYS A 117 5.80 33.67 7.73
CA CYS A 117 5.96 33.05 6.44
C CYS A 117 6.51 34.08 5.48
N GLY A 118 7.05 33.62 4.36
CA GLY A 118 7.38 34.49 3.25
C GLY A 118 6.15 34.57 2.36
N GLY A 119 6.08 35.62 1.56
CA GLY A 119 4.94 35.84 0.66
C GLY A 119 5.41 36.24 -0.72
N PHE A 120 4.62 35.90 -1.73
CA PHE A 120 4.89 36.33 -3.09
C PHE A 120 4.05 37.55 -3.43
N LYS A 121 4.70 38.69 -3.66
CA LYS A 121 3.96 39.91 -3.97
C LYS A 121 3.16 39.78 -5.26
N VAL A 122 3.65 38.99 -6.21
CA VAL A 122 2.91 38.72 -7.46
CA VAL A 122 2.90 38.75 -7.45
C VAL A 122 1.59 38.02 -7.16
N LYS A 123 1.52 37.37 -6.00
CA LYS A 123 0.32 36.61 -5.63
C LYS A 123 -0.58 37.43 -4.69
N GLY A 124 -0.23 38.71 -4.51
CA GLY A 124 -1.03 39.64 -3.73
C GLY A 124 -0.62 39.74 -2.28
N ALA A 125 0.50 39.11 -1.91
CA ALA A 125 0.95 39.16 -0.52
C ALA A 125 1.72 40.44 -0.21
N ASN A 126 1.47 41.03 0.96
CA ASN A 126 2.24 42.16 1.43
C ASN A 126 2.78 41.87 2.84
N ILE A 127 3.92 42.47 3.17
CA ILE A 127 4.46 42.37 4.52
C ILE A 127 3.45 42.84 5.57
N GLY A 128 3.20 42.00 6.58
CA GLY A 128 2.25 42.33 7.66
C GLY A 128 0.87 41.74 7.47
N ASP A 129 0.57 41.32 6.24
CA ASP A 129 -0.62 40.55 5.97
C ASP A 129 -0.64 39.26 6.81
N VAL A 130 -1.78 38.95 7.38
CA VAL A 130 -1.96 37.70 8.09
C VAL A 130 -2.99 36.88 7.29
N PHE A 131 -2.52 35.81 6.65
CA PHE A 131 -3.34 35.06 5.72
C PHE A 131 -4.07 33.91 6.38
N LEU A 132 -5.16 33.50 5.74
CA LEU A 132 -5.83 32.25 6.06
CA LEU A 132 -5.86 32.25 6.04
C LEU A 132 -5.55 31.23 4.94
N VAL A 133 -4.89 30.14 5.29
CA VAL A 133 -4.49 29.15 4.30
C VAL A 133 -5.64 28.28 3.84
N SER A 134 -5.77 28.16 2.51
CA SER A 134 -6.81 27.36 1.90
C SER A 134 -6.37 25.91 1.85
N ASP A 135 -5.15 25.68 1.34
CA ASP A 135 -4.55 24.35 1.30
C ASP A 135 -3.02 24.43 1.40
N VAL A 136 -2.41 23.27 1.57
CA VAL A 136 -1.01 23.20 1.97
C VAL A 136 -0.32 22.08 1.21
N VAL A 137 0.93 22.33 0.83
CA VAL A 137 1.79 21.37 0.14
C VAL A 137 3.23 21.48 0.68
N PHE A 138 4.07 20.50 0.34
CA PHE A 138 5.51 20.56 0.59
C PHE A 138 6.18 20.82 -0.75
N HIS A 139 7.22 21.65 -0.75
CA HIS A 139 8.06 21.82 -1.95
C HIS A 139 9.42 21.12 -1.86
N ASP A 140 9.67 20.38 -0.78
CA ASP A 140 11.01 19.77 -0.60
C ASP A 140 10.99 18.28 -0.29
N ARG A 141 9.93 17.59 -0.72
CA ARG A 141 9.89 16.14 -0.63
C ARG A 141 9.67 15.61 -2.03
N ARG A 142 10.73 15.66 -2.84
CA ARG A 142 10.64 15.21 -4.23
C ARG A 142 10.93 13.71 -4.29
N ILE A 143 9.93 12.91 -4.67
CA ILE A 143 10.13 11.48 -4.85
C ILE A 143 9.64 11.12 -6.25
N PRO A 144 10.55 11.12 -7.25
CA PRO A 144 10.07 11.04 -8.63
C PRO A 144 9.68 9.62 -9.03
N ILE A 145 8.77 9.05 -8.25
CA ILE A 145 8.19 7.75 -8.50
C ILE A 145 6.66 7.95 -8.44
N PRO A 146 5.91 7.30 -9.35
CA PRO A 146 4.45 7.45 -9.21
C PRO A 146 3.92 6.95 -7.83
N MET A 147 2.83 7.57 -7.38
CA MET A 147 2.25 7.40 -6.02
C MET A 147 3.07 8.10 -4.95
N PHE A 148 4.35 7.75 -4.84
CA PHE A 148 5.31 8.48 -3.99
C PHE A 148 5.37 9.98 -4.30
N ASP A 149 5.27 10.35 -5.57
CA ASP A 149 5.31 11.78 -5.93
C ASP A 149 4.21 12.60 -5.27
N LEU A 150 2.97 12.12 -5.33
CA LEU A 150 1.84 12.85 -4.74
C LEU A 150 1.91 12.83 -3.21
N TYR A 151 2.28 11.68 -2.65
CA TYR A 151 2.53 11.54 -1.25
C TYR A 151 3.54 12.61 -0.73
N GLY A 152 4.70 12.71 -1.36
CA GLY A 152 5.69 13.72 -1.07
C GLY A 152 5.13 15.13 -1.06
N VAL A 153 4.48 15.53 -2.15
CA VAL A 153 3.82 16.84 -2.22
C VAL A 153 2.80 17.04 -1.08
N GLY A 154 2.05 16.00 -0.74
CA GLY A 154 1.18 16.03 0.42
C GLY A 154 0.15 17.14 0.44
N LEU A 155 -0.59 17.30 -0.67
CA LEU A 155 -1.63 18.34 -0.80
C LEU A 155 -2.77 18.05 0.17
N ARG A 156 -3.05 19.00 1.05
CA ARG A 156 -4.12 18.87 2.04
C ARG A 156 -4.90 20.17 2.18
N GLN A 157 -6.22 20.05 2.38
CA GLN A 157 -7.09 21.22 2.56
C GLN A 157 -7.16 21.58 4.05
N ALA A 158 -7.01 22.88 4.35
CA ALA A 158 -7.27 23.39 5.69
C ALA A 158 -8.77 23.26 5.98
N PHE A 159 -9.13 23.16 7.24
CA PHE A 159 -10.55 23.10 7.65
C PHE A 159 -11.29 24.33 7.15
N SER A 160 -12.48 24.08 6.60
CA SER A 160 -13.31 25.12 5.99
C SER A 160 -13.87 26.05 7.06
N THR A 161 -13.50 27.33 6.99
CA THR A 161 -14.00 28.35 7.92
C THR A 161 -14.56 29.58 7.16
N PRO A 162 -15.73 29.42 6.48
CA PRO A 162 -16.24 30.51 5.65
C PRO A 162 -16.66 31.76 6.43
N ASN A 163 -17.28 31.57 7.59
CA ASN A 163 -17.81 32.70 8.35
C ASN A 163 -16.70 33.51 9.01
N LEU A 164 -15.64 32.83 9.42
CA LEU A 164 -14.46 33.45 10.00
C LEU A 164 -13.83 34.36 8.97
N LEU A 165 -13.63 33.83 7.77
CA LEU A 165 -13.14 34.60 6.65
C LEU A 165 -14.03 35.81 6.34
N LYS A 166 -15.35 35.59 6.33
CA LYS A 166 -16.34 36.65 6.09
C LYS A 166 -16.24 37.75 7.16
N GLU A 167 -16.03 37.35 8.41
CA GLU A 167 -15.93 38.30 9.52
C GLU A 167 -14.60 39.05 9.49
N LEU A 168 -13.51 38.29 9.41
CA LEU A 168 -12.17 38.83 9.61
C LEU A 168 -11.54 39.44 8.36
N ASN A 169 -11.99 39.01 7.19
CA ASN A 169 -11.52 39.57 5.91
C ASN A 169 -10.02 39.36 5.63
N LEU A 170 -9.54 38.16 5.95
CA LEU A 170 -8.13 37.82 5.80
C LEU A 170 -7.89 37.39 4.38
N LYS A 171 -6.73 37.76 3.83
CA LYS A 171 -6.37 37.22 2.53
C LYS A 171 -6.27 35.69 2.59
N ILE A 172 -6.45 35.04 1.46
CA ILE A 172 -6.35 33.59 1.41
C ILE A 172 -5.39 33.14 0.32
N GLY A 173 -4.88 31.93 0.46
CA GLY A 173 -3.97 31.37 -0.54
C GLY A 173 -3.34 30.07 -0.12
N ARG A 174 -2.67 29.42 -1.06
CA ARG A 174 -1.99 28.15 -0.84
C ARG A 174 -0.68 28.38 -0.06
N LEU A 175 -0.39 27.50 0.89
CA LEU A 175 0.89 27.51 1.60
C LEU A 175 1.80 26.39 1.09
N SER A 176 3.06 26.71 0.88
CA SER A 176 4.06 25.72 0.51
C SER A 176 5.16 25.56 1.57
N THR A 177 5.29 24.34 2.12
CA THR A 177 6.20 24.02 3.26
C THR A 177 7.51 23.32 2.88
N GLY A 178 8.58 23.66 3.59
CA GLY A 178 9.90 23.11 3.38
C GLY A 178 10.82 23.48 4.55
N ASP A 179 11.85 22.67 4.79
CA ASP A 179 12.66 22.87 6.00
C ASP A 179 13.76 23.92 5.81
N SER A 180 13.76 24.61 4.68
CA SER A 180 14.74 25.67 4.43
C SER A 180 14.11 27.07 4.37
N LEU A 181 14.78 28.04 5.02
CA LEU A 181 14.34 29.42 5.01
C LEU A 181 14.53 30.05 3.66
N ASP A 182 15.59 29.62 2.99
CA ASP A 182 15.93 30.16 1.69
C ASP A 182 15.20 29.36 0.64
N MET A 183 15.50 29.63 -0.62
CA MET A 183 14.82 28.94 -1.70
C MET A 183 15.84 28.57 -2.77
N SER A 184 16.10 27.28 -2.91
CA SER A 184 16.93 26.78 -4.02
C SER A 184 16.14 26.89 -5.33
N THR A 185 16.83 26.75 -6.45
CA THR A 185 16.17 26.81 -7.75
C THR A 185 15.16 25.68 -7.93
N GLN A 186 15.46 24.53 -7.32
CA GLN A 186 14.56 23.39 -7.40
C GLN A 186 13.28 23.64 -6.58
N ASP A 187 13.43 24.17 -5.36
CA ASP A 187 12.31 24.62 -4.54
C ASP A 187 11.40 25.58 -5.32
N GLU A 188 12.00 26.58 -5.98
CA GLU A 188 11.24 27.62 -6.68
C GLU A 188 10.38 27.03 -7.78
N THR A 189 11.00 26.17 -8.59
CA THR A 189 10.28 25.53 -9.69
C THR A 189 9.01 24.89 -9.16
N LEU A 190 9.12 24.20 -8.02
CA LEU A 190 7.95 23.51 -7.50
C LEU A 190 6.98 24.49 -6.83
N ILE A 191 7.52 25.53 -6.22
CA ILE A 191 6.66 26.50 -5.55
C ILE A 191 5.83 27.23 -6.60
N ILE A 192 6.49 27.68 -7.68
CA ILE A 192 5.84 28.35 -8.80
C ILE A 192 4.74 27.50 -9.42
N ALA A 193 5.05 26.23 -9.70
CA ALA A 193 4.10 25.33 -10.34
C ALA A 193 2.96 24.90 -9.41
N ASN A 194 3.18 25.01 -8.09
CA ASN A 194 2.10 24.71 -7.15
CA ASN A 194 2.12 24.73 -7.12
C ASN A 194 1.29 25.98 -6.80
N ASP A 195 1.71 27.11 -7.36
CA ASP A 195 0.94 28.35 -7.32
C ASP A 195 0.68 28.81 -5.90
N ALA A 196 1.66 28.62 -5.03
CA ALA A 196 1.57 29.05 -3.63
C ALA A 196 1.68 30.54 -3.55
N THR A 197 0.97 31.11 -2.59
CA THR A 197 1.10 32.52 -2.24
C THR A 197 2.10 32.64 -1.08
N LEU A 198 2.12 31.62 -0.22
CA LEU A 198 2.86 31.66 1.03
C LEU A 198 3.89 30.52 1.14
N LYS A 199 5.04 30.79 1.76
CA LYS A 199 6.12 29.83 2.00
C LYS A 199 6.51 29.77 3.49
N ASP A 200 6.53 28.57 4.08
CA ASP A 200 6.84 28.45 5.50
C ASP A 200 7.68 27.21 5.78
N MET A 201 7.88 26.87 7.07
CA MET A 201 8.72 25.73 7.44
C MET A 201 8.07 24.57 8.25
N GLU A 202 6.74 24.58 8.45
CA GLU A 202 6.09 23.53 9.24
CA GLU A 202 6.08 23.54 9.26
C GLU A 202 4.70 23.14 8.75
N GLY A 203 4.00 24.10 8.13
CA GLY A 203 2.59 23.95 7.79
C GLY A 203 2.08 22.62 7.27
N ALA A 204 2.71 22.10 6.21
CA ALA A 204 2.26 20.86 5.60
C ALA A 204 2.44 19.67 6.53
N ALA A 205 3.39 19.76 7.46
CA ALA A 205 3.66 18.67 8.41
C ALA A 205 2.68 18.68 9.55
N VAL A 206 2.28 19.87 10.00
CA VAL A 206 1.16 19.98 10.95
C VAL A 206 -0.13 19.40 10.33
N ALA A 207 -0.38 19.75 9.06
CA ALA A 207 -1.52 19.20 8.32
C ALA A 207 -1.47 17.68 8.20
N TYR A 208 -0.29 17.13 7.87
CA TYR A 208 -0.10 15.70 7.81
C TYR A 208 -0.53 15.05 9.13
N VAL A 209 0.01 15.56 10.23
CA VAL A 209 -0.23 14.95 11.53
C VAL A 209 -1.69 15.08 11.91
N ALA A 210 -2.25 16.27 11.68
CA ALA A 210 -3.66 16.56 11.98
C ALA A 210 -4.61 15.69 11.18
N ASP A 211 -4.26 15.45 9.91
CA ASP A 211 -5.00 14.50 9.06
C ASP A 211 -4.99 13.09 9.68
N LEU A 212 -3.80 12.63 10.06
CA LEU A 212 -3.62 11.27 10.57
C LEU A 212 -4.51 11.03 11.78
N LEU A 213 -4.60 12.02 12.65
CA LEU A 213 -5.38 11.92 13.88
C LEU A 213 -6.77 12.53 13.76
N LYS A 214 -7.10 12.97 12.55
CA LYS A 214 -8.45 13.48 12.23
C LYS A 214 -8.87 14.69 13.07
N ILE A 215 -7.97 15.67 13.19
CA ILE A 215 -8.28 16.91 13.89
C ILE A 215 -8.34 18.06 12.87
N PRO A 216 -9.40 18.87 12.94
CA PRO A 216 -9.49 20.07 12.11
C PRO A 216 -8.28 20.98 12.35
N VAL A 217 -7.66 21.44 11.28
CA VAL A 217 -6.54 22.37 11.38
C VAL A 217 -6.78 23.59 10.50
N VAL A 218 -6.50 24.78 11.05
CA VAL A 218 -6.51 26.02 10.28
C VAL A 218 -5.18 26.75 10.48
N PHE A 219 -4.80 27.59 9.52
CA PHE A 219 -3.48 28.17 9.53
C PHE A 219 -3.53 29.70 9.49
N LEU A 220 -2.79 30.35 10.37
CA LEU A 220 -2.61 31.80 10.32
C LEU A 220 -1.16 32.04 10.08
N LYS A 221 -0.87 32.59 8.90
CA LYS A 221 0.48 32.81 8.40
C LYS A 221 0.69 34.31 8.09
N ALA A 222 1.61 34.92 8.82
CA ALA A 222 1.85 36.35 8.75
C ALA A 222 3.14 36.59 7.97
N VAL A 223 3.05 37.39 6.91
CA VAL A 223 4.15 37.62 5.97
C VAL A 223 5.24 38.54 6.53
N THR A 224 6.46 38.00 6.69
CA THR A 224 7.59 38.79 7.18
C THR A 224 8.51 39.31 6.09
N ASP A 225 8.45 38.65 4.92
CA ASP A 225 9.36 38.96 3.82
C ASP A 225 8.78 38.52 2.48
N LEU A 226 9.15 39.27 1.45
CA LEU A 226 8.72 38.98 0.07
C LEU A 226 9.76 38.15 -0.68
N VAL A 227 9.38 36.91 -0.98
CA VAL A 227 10.28 35.96 -1.61
C VAL A 227 10.65 36.44 -3.01
N ASP A 228 9.75 37.23 -3.62
CA ASP A 228 10.00 37.87 -4.91
C ASP A 228 10.27 39.39 -4.79
N GLY A 229 10.64 39.83 -3.61
CA GLY A 229 11.04 41.23 -3.39
C GLY A 229 12.54 41.40 -3.61
N ASP A 230 13.07 42.54 -3.19
CA ASP A 230 14.48 42.87 -3.45
C ASP A 230 15.40 42.76 -2.23
N LYS A 231 14.87 42.25 -1.12
CA LYS A 231 15.67 42.13 0.12
C LYS A 231 16.05 40.68 0.38
N PRO A 232 17.28 40.43 0.88
CA PRO A 232 17.65 39.05 1.23
C PRO A 232 16.69 38.49 2.28
N THR A 233 16.30 37.24 2.09
CA THR A 233 15.28 36.59 2.94
C THR A 233 15.58 36.62 4.46
N ALA A 234 16.71 36.05 4.86
CA ALA A 234 17.04 36.00 6.29
C ALA A 234 17.00 37.42 6.87
N GLU A 235 17.70 38.35 6.21
CA GLU A 235 17.71 39.77 6.58
C GLU A 235 16.30 40.38 6.75
N GLU A 236 15.43 40.25 5.74
CA GLU A 236 14.08 40.84 5.82
C GLU A 236 13.20 40.19 6.90
N PHE A 237 13.31 38.88 7.04
CA PHE A 237 12.59 38.14 8.03
C PHE A 237 12.93 38.67 9.42
N LEU A 238 14.23 38.78 9.74
CA LEU A 238 14.66 39.21 11.06
C LEU A 238 14.26 40.69 11.33
N GLN A 239 14.34 41.49 10.29
CA GLN A 239 13.98 42.91 10.34
C GLN A 239 12.50 43.11 10.69
N ASN A 240 11.61 42.25 10.18
CA ASN A 240 10.17 42.48 10.31
C ASN A 240 9.49 41.62 11.36
N LEU A 241 10.26 40.68 11.93
CA LEU A 241 9.72 39.67 12.84
C LEU A 241 8.89 40.24 14.00
N THR A 242 9.38 41.29 14.65
CA THR A 242 8.68 41.86 15.82
C THR A 242 7.31 42.49 15.46
N VAL A 243 7.30 43.37 14.46
CA VAL A 243 6.08 44.07 14.04
C VAL A 243 5.06 43.11 13.43
N VAL A 244 5.55 42.13 12.66
CA VAL A 244 4.68 41.14 12.04
C VAL A 244 4.13 40.16 13.09
N THR A 245 4.91 39.90 14.13
CA THR A 245 4.45 39.07 15.24
C THR A 245 3.27 39.72 16.00
N ALA A 246 3.35 41.05 16.21
CA ALA A 246 2.23 41.80 16.80
C ALA A 246 0.97 41.72 15.91
N ALA A 247 1.13 41.95 14.61
CA ALA A 247 0.07 41.68 13.63
C ALA A 247 -0.54 40.26 13.76
N LEU A 248 0.31 39.25 13.91
CA LEU A 248 -0.14 37.87 14.04
C LEU A 248 -0.96 37.66 15.33
N GLU A 249 -0.47 38.21 16.45
CA GLU A 249 -1.21 38.23 17.72
C GLU A 249 -2.58 38.85 17.53
N GLY A 250 -2.61 39.99 16.84
CA GLY A 250 -3.86 40.73 16.59
C GLY A 250 -4.91 39.88 15.89
N THR A 251 -4.50 39.15 14.86
CA THR A 251 -5.43 38.27 14.13
C THR A 251 -5.82 37.05 14.99
N ALA A 252 -4.84 36.39 15.59
CA ALA A 252 -5.11 35.18 16.39
C ALA A 252 -6.08 35.50 17.53
N THR A 253 -5.96 36.70 18.10
CA THR A 253 -6.88 37.12 19.17
C THR A 253 -8.30 37.15 18.65
N LYS A 254 -8.51 37.78 17.49
CA LYS A 254 -9.83 37.86 16.88
C LYS A 254 -10.35 36.49 16.43
N VAL A 255 -9.45 35.62 16.00
CA VAL A 255 -9.84 34.23 15.70
C VAL A 255 -10.37 33.54 16.97
N ILE A 256 -9.62 33.62 18.06
CA ILE A 256 -10.01 32.98 19.33
C ILE A 256 -11.38 33.46 19.81
N ASN A 257 -11.61 34.77 19.73
CA ASN A 257 -12.88 35.39 20.09
C ASN A 257 -14.03 35.01 19.17
N PHE A 258 -13.72 34.79 17.88
CA PHE A 258 -14.73 34.36 16.91
C PHE A 258 -15.14 32.91 17.15
N ILE A 259 -14.16 32.05 17.42
CA ILE A 259 -14.42 30.62 17.62
C ILE A 259 -15.29 30.40 18.86
N ASN A 260 -15.09 31.21 19.89
CA ASN A 260 -15.82 31.11 21.15
C ASN A 260 -17.33 30.97 20.96
N GLY A 261 -17.87 29.86 21.46
CA GLY A 261 -19.31 29.64 21.45
C GLY A 261 -19.87 29.04 20.17
N ARG A 262 -19.04 28.91 19.15
CA ARG A 262 -19.45 28.34 17.89
C ARG A 262 -19.09 26.85 17.82
N ASN A 263 -19.86 26.10 17.03
CA ASN A 263 -19.48 24.73 16.72
C ASN A 263 -18.61 24.70 15.45
N LEU A 264 -18.03 23.53 15.16
CA LEU A 264 -17.15 23.36 14.01
C LEU A 264 -17.81 23.75 12.71
N SER A 265 -19.06 23.33 12.54
CA SER A 265 -19.81 23.51 11.29
C SER A 265 -20.28 24.95 11.10
N ASP A 266 -20.19 25.74 12.17
CA ASP A 266 -20.38 27.19 12.12
C ASP A 266 -19.06 27.94 12.03
N LEU A 267 -17.96 27.17 12.14
CA LEU A 267 -16.54 27.60 11.97
C LEU A 267 -15.56 27.43 13.16
N LEU B 23 27.10 -1.92 34.72
CA LEU B 23 25.76 -1.74 34.07
C LEU B 23 24.95 -3.04 33.92
N ARG B 24 23.81 -2.92 33.24
CA ARG B 24 22.91 -4.05 32.95
C ARG B 24 22.95 -4.39 31.47
N PRO B 25 22.78 -5.69 31.13
CA PRO B 25 22.66 -6.08 29.72
C PRO B 25 21.48 -5.38 29.01
N ILE B 26 21.68 -4.99 27.74
CA ILE B 26 20.58 -4.50 26.89
C ILE B 26 19.44 -5.50 26.89
N SER B 27 18.23 -5.03 27.18
CA SER B 27 17.07 -5.93 27.30
C SER B 27 15.97 -5.64 26.30
N SER B 28 16.04 -4.49 25.63
CA SER B 28 14.98 -4.07 24.72
C SER B 28 15.50 -3.24 23.56
N VAL B 29 15.22 -3.70 22.34
CA VAL B 29 15.66 -3.06 21.12
C VAL B 29 14.43 -2.73 20.27
N VAL B 30 14.40 -1.51 19.72
CA VAL B 30 13.38 -1.09 18.78
C VAL B 30 14.02 -0.82 17.41
N PHE B 31 13.52 -1.45 16.35
CA PHE B 31 13.91 -1.10 14.98
C PHE B 31 12.93 -0.07 14.43
N VAL B 32 13.48 0.96 13.80
CA VAL B 32 12.70 1.94 13.05
C VAL B 32 12.99 1.71 11.56
N ILE B 33 11.97 1.23 10.85
CA ILE B 33 12.12 0.86 9.45
C ILE B 33 11.01 1.50 8.61
N ALA B 34 11.40 2.24 7.59
CA ALA B 34 10.49 3.08 6.79
C ALA B 34 9.55 2.32 5.85
N MET B 35 10.05 1.27 5.20
CA MET B 35 9.28 0.51 4.23
C MET B 35 8.95 -0.85 4.78
N GLN B 36 7.68 -1.26 4.66
CA GLN B 36 7.23 -2.48 5.30
C GLN B 36 7.86 -3.76 4.74
N ALA B 37 8.09 -3.79 3.43
CA ALA B 37 8.73 -4.97 2.84
C ALA B 37 10.14 -5.13 3.38
N GLU B 38 10.75 -4.03 3.82
CA GLU B 38 12.10 -4.12 4.41
C GLU B 38 12.07 -4.63 5.85
N ALA B 39 10.91 -4.51 6.49
CA ALA B 39 10.75 -5.01 7.85
C ALA B 39 10.36 -6.48 7.86
N LEU B 40 9.58 -6.89 6.86
CA LEU B 40 8.91 -8.19 6.89
C LEU B 40 9.84 -9.40 7.05
N PRO B 41 10.95 -9.47 6.29
CA PRO B 41 11.84 -10.63 6.43
C PRO B 41 12.41 -10.71 7.83
N LEU B 42 12.72 -9.56 8.42
CA LEU B 42 13.21 -9.52 9.79
CA LEU B 42 13.20 -9.52 9.80
C LEU B 42 12.13 -9.98 10.76
N VAL B 43 10.89 -9.52 10.53
CA VAL B 43 9.75 -9.94 11.33
C VAL B 43 9.66 -11.47 11.31
N ASN B 44 9.61 -12.06 10.12
CA ASN B 44 9.52 -13.51 9.97
C ASN B 44 10.71 -14.29 10.53
N LYS B 45 11.91 -13.70 10.46
CA LYS B 45 13.13 -14.36 10.91
C LYS B 45 13.12 -14.59 12.43
N PHE B 46 12.60 -13.61 13.17
CA PHE B 46 12.61 -13.65 14.63
C PHE B 46 11.23 -14.00 15.20
N GLY B 47 10.34 -14.43 14.31
CA GLY B 47 8.98 -14.86 14.67
C GLY B 47 8.13 -13.81 15.36
N LEU B 48 8.28 -12.56 14.93
CA LEU B 48 7.60 -11.43 15.57
C LEU B 48 6.14 -11.35 15.13
N SER B 49 5.27 -10.87 16.02
CA SER B 49 3.84 -10.74 15.75
C SER B 49 3.42 -9.29 15.58
N GLU B 50 2.50 -9.06 14.64
CA GLU B 50 1.90 -7.74 14.47
C GLU B 50 1.00 -7.38 15.67
N THR B 51 1.27 -6.23 16.28
CA THR B 51 0.48 -5.70 17.40
C THR B 51 -0.97 -5.38 17.00
N THR B 52 -1.93 -5.71 17.87
CA THR B 52 -3.34 -5.51 17.56
C THR B 52 -4.02 -4.41 18.39
N ASP B 53 -3.37 -3.98 19.47
CA ASP B 53 -4.02 -3.05 20.38
C ASP B 53 -3.68 -1.57 20.18
N SER B 54 -3.14 -1.22 19.00
CA SER B 54 -2.76 0.17 18.65
C SER B 54 -2.13 0.94 19.82
N PRO B 55 -1.00 0.44 20.35
CA PRO B 55 -0.42 1.06 21.54
C PRO B 55 0.24 2.42 21.27
N LEU B 56 0.44 2.77 20.02
CA LEU B 56 1.06 4.06 19.70
C LEU B 56 0.06 5.14 19.31
N GLY B 57 -1.22 4.76 19.22
CA GLY B 57 -2.29 5.71 18.96
C GLY B 57 -3.33 5.14 18.02
N LYS B 58 -4.56 5.65 18.14
CA LYS B 58 -5.70 5.06 17.44
C LYS B 58 -5.88 5.62 16.01
N GLY B 59 -6.36 4.75 15.13
CA GLY B 59 -6.63 5.11 13.73
C GLY B 59 -5.40 5.44 12.90
N LEU B 60 -4.24 5.00 13.36
CA LEU B 60 -2.99 5.32 12.69
C LEU B 60 -2.61 4.22 11.71
N PRO B 61 -1.88 4.58 10.64
CA PRO B 61 -1.51 3.55 9.67
C PRO B 61 -0.27 2.77 10.09
N TRP B 62 0.34 3.16 11.20
CA TRP B 62 1.58 2.59 11.71
C TRP B 62 1.45 1.12 12.04
N VAL B 63 2.56 0.39 11.83
CA VAL B 63 2.64 -1.03 12.10
C VAL B 63 3.72 -1.32 13.14
N LEU B 64 3.38 -2.09 14.15
CA LEU B 64 4.34 -2.51 15.16
C LEU B 64 4.35 -4.02 15.24
N TYR B 65 5.55 -4.60 15.24
CA TYR B 65 5.72 -6.03 15.41
C TYR B 65 6.52 -6.24 16.68
N HIS B 66 6.12 -7.23 17.49
CA HIS B 66 6.71 -7.43 18.81
C HIS B 66 7.12 -8.89 19.02
N GLY B 67 8.09 -9.11 19.89
CA GLY B 67 8.60 -10.44 20.17
C GLY B 67 9.61 -10.47 21.29
N VAL B 68 9.81 -11.64 21.87
CA VAL B 68 10.86 -11.86 22.86
C VAL B 68 11.74 -12.99 22.34
N HIS B 69 13.03 -12.71 22.26
CA HIS B 69 14.01 -13.62 21.69
C HIS B 69 15.26 -13.66 22.57
N LYS B 70 15.46 -14.82 23.19
CA LYS B 70 16.50 -15.02 24.20
C LYS B 70 16.45 -13.90 25.24
N ASP B 71 17.49 -13.08 25.32
CA ASP B 71 17.54 -12.02 26.33
C ASP B 71 16.96 -10.66 25.88
N LEU B 72 16.41 -10.60 24.67
CA LEU B 72 15.97 -9.32 24.11
C LEU B 72 14.48 -9.23 23.80
N ARG B 73 13.82 -8.23 24.36
CA ARG B 73 12.54 -7.80 23.81
C ARG B 73 12.87 -7.09 22.49
N ILE B 74 12.19 -7.47 21.43
CA ILE B 74 12.42 -6.92 20.10
C ILE B 74 11.15 -6.33 19.51
N ASN B 75 11.22 -5.06 19.12
CA ASN B 75 10.10 -4.41 18.47
C ASN B 75 10.54 -3.77 17.18
N VAL B 76 9.66 -3.81 16.18
CA VAL B 76 9.91 -3.21 14.88
C VAL B 76 8.70 -2.35 14.55
N VAL B 77 8.95 -1.05 14.32
CA VAL B 77 7.88 -0.10 13.99
C VAL B 77 8.09 0.45 12.56
N CYS B 78 6.99 0.57 11.84
CA CYS B 78 7.00 1.17 10.51
C CYS B 78 5.94 2.26 10.49
N PRO B 79 6.10 3.29 9.62
CA PRO B 79 5.13 4.39 9.49
C PRO B 79 3.90 4.00 8.70
N GLY B 80 3.98 2.83 8.05
CA GLY B 80 2.82 2.18 7.48
C GLY B 80 2.44 2.68 6.12
N ARG B 81 1.37 2.09 5.63
CA ARG B 81 0.86 2.28 4.30
C ARG B 81 -0.06 3.50 4.24
N ASP B 82 0.24 4.38 3.29
CA ASP B 82 -0.46 5.65 3.16
C ASP B 82 -1.92 5.39 2.78
N ALA B 83 -2.83 6.22 3.30
CA ALA B 83 -4.28 5.97 3.13
C ALA B 83 -4.71 5.96 1.67
N ALA B 84 -4.13 6.82 0.84
CA ALA B 84 -4.58 6.94 -0.55
C ALA B 84 -4.32 5.66 -1.35
N LEU B 85 -3.07 5.20 -1.33
CA LEU B 85 -2.63 4.10 -2.20
CA LEU B 85 -2.74 4.04 -2.16
C LEU B 85 -1.94 2.95 -1.47
N GLY B 86 -1.54 3.18 -0.23
CA GLY B 86 -0.84 2.14 0.50
C GLY B 86 0.67 2.06 0.27
N ILE B 87 1.27 3.08 -0.35
CA ILE B 87 2.73 3.14 -0.35
C ILE B 87 3.25 3.48 1.04
N ASP B 88 4.48 3.05 1.33
CA ASP B 88 5.14 3.34 2.59
C ASP B 88 5.19 4.85 2.85
N SER B 89 4.87 5.24 4.08
CA SER B 89 4.90 6.65 4.50
C SER B 89 6.34 7.04 4.87
N VAL B 90 7.16 7.25 3.85
CA VAL B 90 8.58 7.52 4.02
C VAL B 90 8.85 9.00 4.39
N GLY B 91 10.10 9.34 4.64
CA GLY B 91 10.48 10.72 4.93
C GLY B 91 10.70 11.00 6.42
N THR B 92 11.21 12.19 6.73
CA THR B 92 11.60 12.50 8.10
C THR B 92 10.44 12.59 9.07
N VAL B 93 9.33 13.19 8.67
CA VAL B 93 8.22 13.37 9.60
C VAL B 93 7.64 12.05 10.16
N PRO B 94 7.21 11.11 9.28
CA PRO B 94 6.72 9.83 9.81
C PRO B 94 7.79 9.06 10.59
N ALA B 95 9.04 9.06 10.11
CA ALA B 95 10.09 8.39 10.87
C ALA B 95 10.27 9.04 12.23
N SER B 96 10.11 10.36 12.31
CA SER B 96 10.33 11.03 13.56
C SER B 96 9.19 10.72 14.52
N LEU B 97 7.96 10.66 13.99
CA LEU B 97 6.77 10.35 14.81
C LEU B 97 6.84 8.96 15.47
N ILE B 98 7.19 7.94 14.68
CA ILE B 98 7.24 6.58 15.21
C ILE B 98 8.41 6.35 16.15
N THR B 99 9.52 7.06 15.93
CA THR B 99 10.66 6.98 16.85
C THR B 99 10.22 7.49 18.22
N PHE B 100 9.62 8.70 18.24
CA PHE B 100 9.08 9.30 19.45
C PHE B 100 8.06 8.39 20.14
N ALA B 101 7.05 7.95 19.41
CA ALA B 101 5.95 7.19 20.04
C ALA B 101 6.43 5.85 20.60
N SER B 102 7.25 5.13 19.83
CA SER B 102 7.72 3.82 20.29
C SER B 102 8.67 3.89 21.49
N ILE B 103 9.49 4.94 21.54
CA ILE B 103 10.34 5.19 22.71
C ILE B 103 9.51 5.45 23.97
N GLN B 104 8.51 6.34 23.84
CA GLN B 104 7.63 6.70 24.97
CA GLN B 104 7.60 6.71 24.95
C GLN B 104 6.80 5.50 25.45
N ALA B 105 6.33 4.70 24.49
CA ALA B 105 5.53 3.51 24.81
C ALA B 105 6.36 2.35 25.37
N LEU B 106 7.58 2.17 24.87
CA LEU B 106 8.33 0.95 25.15
C LEU B 106 9.61 1.12 25.97
N LYS B 107 10.14 2.34 26.06
CA LYS B 107 11.41 2.63 26.78
C LYS B 107 12.56 1.68 26.41
N PRO B 108 12.87 1.56 25.10
CA PRO B 108 13.92 0.63 24.70
C PRO B 108 15.28 1.11 25.19
N ASP B 109 16.24 0.18 25.23
CA ASP B 109 17.62 0.47 25.56
C ASP B 109 18.36 1.11 24.40
N ILE B 110 17.93 0.78 23.18
CA ILE B 110 18.62 1.20 21.98
C ILE B 110 17.67 1.17 20.79
N ILE B 111 17.87 2.10 19.86
CA ILE B 111 17.13 2.18 18.61
C ILE B 111 18.08 1.78 17.50
N ILE B 112 17.57 1.02 16.53
CA ILE B 112 18.31 0.80 15.29
C ILE B 112 17.45 1.22 14.11
N ASN B 113 17.94 2.22 13.39
CA ASN B 113 17.26 2.67 12.19
C ASN B 113 17.84 1.92 10.98
N ALA B 114 17.09 0.93 10.50
CA ALA B 114 17.50 0.09 9.40
C ALA B 114 16.74 0.44 8.14
N GLY B 115 17.45 0.52 7.03
CA GLY B 115 16.82 0.93 5.78
C GLY B 115 17.78 1.00 4.63
N THR B 116 17.26 1.41 3.49
CA THR B 116 18.03 1.50 2.28
C THR B 116 18.48 2.94 2.13
N CYS B 117 19.49 3.17 1.28
CA CYS B 117 20.08 4.49 1.11
C CYS B 117 20.84 4.54 -0.21
N GLY B 118 21.19 5.75 -0.64
CA GLY B 118 22.09 5.91 -1.76
C GLY B 118 23.51 5.92 -1.25
N GLY B 119 24.45 5.52 -2.11
CA GLY B 119 25.86 5.56 -1.73
C GLY B 119 26.76 6.23 -2.73
N PHE B 120 27.93 6.67 -2.28
CA PHE B 120 28.96 7.19 -3.17
C PHE B 120 30.04 6.16 -3.45
N LYS B 121 30.20 5.88 -4.75
CA LYS B 121 31.25 4.99 -5.25
C LYS B 121 32.65 5.49 -4.83
N VAL B 122 32.89 6.79 -4.97
CA VAL B 122 34.18 7.40 -4.57
C VAL B 122 34.45 7.31 -3.05
N LYS B 123 33.41 7.08 -2.24
CA LYS B 123 33.61 6.89 -0.81
C LYS B 123 33.68 5.41 -0.44
N GLY B 124 33.76 4.54 -1.45
CA GLY B 124 33.84 3.10 -1.20
C GLY B 124 32.53 2.32 -1.18
N ALA B 125 31.40 3.00 -1.36
CA ALA B 125 30.07 2.36 -1.37
C ALA B 125 29.87 1.50 -2.60
N ASN B 126 29.34 0.29 -2.41
CA ASN B 126 28.90 -0.57 -3.51
C ASN B 126 27.45 -1.02 -3.28
N ILE B 127 26.73 -1.26 -4.37
CA ILE B 127 25.39 -1.81 -4.31
C ILE B 127 25.39 -3.05 -3.44
N GLY B 128 24.51 -3.04 -2.43
CA GLY B 128 24.29 -4.18 -1.57
C GLY B 128 25.12 -4.17 -0.30
N ASP B 129 26.04 -3.21 -0.18
CA ASP B 129 26.74 -2.97 1.07
C ASP B 129 25.72 -2.56 2.13
N VAL B 130 25.87 -3.12 3.33
CA VAL B 130 25.12 -2.64 4.47
C VAL B 130 26.13 -1.94 5.39
N PHE B 131 25.98 -0.61 5.53
CA PHE B 131 26.87 0.24 6.32
C PHE B 131 26.39 0.45 7.75
N LEU B 132 27.37 0.66 8.62
CA LEU B 132 27.11 1.24 9.93
C LEU B 132 27.27 2.75 9.73
N VAL B 133 26.77 3.57 10.64
CA VAL B 133 26.90 5.03 10.49
C VAL B 133 27.71 5.62 11.66
N SER B 134 28.64 6.51 11.35
CA SER B 134 29.46 7.16 12.38
C SER B 134 28.73 8.39 12.91
N ASP B 135 28.41 9.34 12.03
CA ASP B 135 27.54 10.46 12.39
C ASP B 135 26.58 10.84 11.26
N VAL B 136 25.66 11.75 11.55
CA VAL B 136 24.52 11.96 10.68
C VAL B 136 24.21 13.44 10.57
N VAL B 137 23.81 13.88 9.38
CA VAL B 137 23.42 15.27 9.10
C VAL B 137 22.18 15.39 8.19
N PHE B 138 21.59 16.59 8.14
CA PHE B 138 20.57 16.92 7.13
C PHE B 138 21.27 17.73 6.02
N HIS B 139 20.96 17.44 4.75
CA HIS B 139 21.38 18.28 3.64
C HIS B 139 20.28 19.25 3.16
N ASP B 140 19.08 19.17 3.74
CA ASP B 140 17.93 19.94 3.21
C ASP B 140 17.20 20.81 4.23
N ARG B 141 17.89 21.19 5.31
CA ARG B 141 17.35 22.16 6.25
C ARG B 141 18.28 23.37 6.27
N ARG B 142 18.19 24.20 5.22
CA ARG B 142 19.13 25.31 4.99
C ARG B 142 18.57 26.58 5.60
N ILE B 143 19.20 27.02 6.69
CA ILE B 143 18.76 28.21 7.38
C ILE B 143 19.95 29.16 7.51
N PRO B 144 20.07 30.13 6.57
CA PRO B 144 21.30 30.93 6.50
C PRO B 144 21.32 32.07 7.53
N ILE B 145 21.19 31.69 8.79
CA ILE B 145 21.32 32.60 9.94
C ILE B 145 22.20 31.85 10.91
N PRO B 146 23.22 32.53 11.50
CA PRO B 146 24.05 31.88 12.52
C PRO B 146 23.22 31.17 13.61
N MET B 147 23.74 30.04 14.09
CA MET B 147 23.11 29.20 15.12
C MET B 147 22.02 28.32 14.50
N PHE B 148 21.07 28.97 13.82
CA PHE B 148 20.08 28.24 13.03
C PHE B 148 20.72 27.36 11.95
N ASP B 149 21.77 27.85 11.30
CA ASP B 149 22.46 27.05 10.28
C ASP B 149 22.92 25.70 10.84
N LEU B 150 23.54 25.71 12.02
CA LEU B 150 24.07 24.47 12.61
C LEU B 150 22.95 23.55 13.10
N TYR B 151 21.92 24.16 13.66
CA TYR B 151 20.71 23.47 14.06
C TYR B 151 20.11 22.72 12.87
N GLY B 152 19.98 23.42 11.74
CA GLY B 152 19.44 22.84 10.52
C GLY B 152 20.20 21.60 10.08
N VAL B 153 21.53 21.75 10.00
CA VAL B 153 22.43 20.67 9.64
C VAL B 153 22.27 19.52 10.63
N GLY B 154 22.11 19.88 11.92
CA GLY B 154 21.85 18.95 13.00
C GLY B 154 22.83 17.81 13.13
N LEU B 155 24.12 18.14 13.20
CA LEU B 155 25.17 17.11 13.26
C LEU B 155 25.07 16.31 14.54
N ARG B 156 24.93 15.00 14.40
CA ARG B 156 24.77 14.10 15.54
C ARG B 156 25.55 12.79 15.35
N GLN B 157 26.14 12.30 16.43
CA GLN B 157 26.95 11.09 16.38
C GLN B 157 26.08 9.89 16.64
N ALA B 158 26.31 8.83 15.89
CA ALA B 158 25.68 7.55 16.20
C ALA B 158 26.31 6.96 17.46
N PHE B 159 25.58 6.07 18.14
CA PHE B 159 26.17 5.38 19.28
C PHE B 159 27.37 4.52 18.85
N SER B 160 28.45 4.61 19.60
CA SER B 160 29.70 3.94 19.29
C SER B 160 29.57 2.41 19.38
N THR B 161 29.70 1.70 18.26
CA THR B 161 29.71 0.22 18.33
C THR B 161 30.97 -0.46 17.71
N PRO B 162 32.15 -0.24 18.32
CA PRO B 162 33.43 -0.73 17.75
C PRO B 162 33.59 -2.25 17.68
N ASN B 163 33.12 -2.99 18.68
CA ASN B 163 33.11 -4.46 18.62
C ASN B 163 32.18 -5.07 17.56
N LEU B 164 30.97 -4.51 17.45
CA LEU B 164 30.01 -4.83 16.37
C LEU B 164 30.61 -4.63 14.97
N LEU B 165 31.24 -3.48 14.77
CA LEU B 165 31.85 -3.16 13.49
C LEU B 165 32.95 -4.18 13.15
N LYS B 166 33.84 -4.42 14.10
CA LYS B 166 34.93 -5.39 13.97
C LYS B 166 34.40 -6.80 13.67
N GLU B 167 33.57 -7.33 14.57
CA GLU B 167 33.02 -8.71 14.45
C GLU B 167 32.26 -8.97 13.14
N LEU B 168 31.39 -8.04 12.77
CA LEU B 168 30.58 -8.19 11.56
C LEU B 168 31.28 -7.73 10.32
N ASN B 169 32.44 -7.09 10.50
CA ASN B 169 33.23 -6.55 9.40
C ASN B 169 32.38 -5.67 8.51
N LEU B 170 31.80 -4.62 9.09
CA LEU B 170 30.94 -3.73 8.35
C LEU B 170 31.65 -2.43 8.00
N LYS B 171 31.33 -1.92 6.82
CA LYS B 171 31.75 -0.56 6.40
C LYS B 171 31.05 0.50 7.25
N ILE B 172 31.58 1.72 7.19
CA ILE B 172 31.08 2.81 7.99
C ILE B 172 31.32 4.15 7.29
N GLY B 173 30.39 5.09 7.47
CA GLY B 173 30.54 6.41 6.90
C GLY B 173 29.52 7.37 7.44
N ARG B 174 29.70 8.63 7.09
CA ARG B 174 28.70 9.66 7.42
C ARG B 174 27.46 9.47 6.55
N LEU B 175 26.31 9.68 7.17
CA LEU B 175 25.00 9.68 6.50
C LEU B 175 24.42 11.10 6.42
N SER B 176 23.89 11.46 5.26
CA SER B 176 23.23 12.74 5.03
C SER B 176 21.74 12.54 4.63
N THR B 177 20.85 13.18 5.39
CA THR B 177 19.39 12.97 5.33
C THR B 177 18.68 14.15 4.68
N GLY B 178 17.62 13.85 3.93
CA GLY B 178 16.75 14.85 3.33
C GLY B 178 15.48 14.15 2.82
N ASP B 179 14.38 14.90 2.63
CA ASP B 179 13.10 14.31 2.24
C ASP B 179 12.89 14.01 0.73
N SER B 180 13.95 14.21 -0.08
CA SER B 180 13.89 13.90 -1.52
C SER B 180 14.75 12.68 -1.90
N LEU B 181 14.23 11.87 -2.82
CA LEU B 181 14.94 10.69 -3.29
C LEU B 181 16.01 11.09 -4.32
N ASP B 182 15.67 12.05 -5.19
CA ASP B 182 16.64 12.62 -6.13
C ASP B 182 17.55 13.64 -5.40
N MET B 183 18.38 14.33 -6.17
CA MET B 183 19.36 15.23 -5.61
C MET B 183 19.47 16.50 -6.44
N SER B 184 19.08 17.64 -5.88
CA SER B 184 19.20 18.90 -6.62
C SER B 184 20.67 19.36 -6.56
N THR B 185 21.03 20.34 -7.39
CA THR B 185 22.36 20.91 -7.35
C THR B 185 22.74 21.37 -5.94
N GLN B 186 21.87 22.16 -5.32
CA GLN B 186 22.13 22.63 -3.95
C GLN B 186 22.35 21.47 -2.96
N ASP B 187 21.54 20.41 -3.08
CA ASP B 187 21.64 19.25 -2.22
C ASP B 187 23.04 18.65 -2.33
N GLU B 188 23.50 18.51 -3.55
CA GLU B 188 24.76 17.85 -3.87
C GLU B 188 25.97 18.64 -3.33
N THR B 189 25.93 19.96 -3.49
CA THR B 189 26.96 20.82 -2.95
C THR B 189 27.08 20.58 -1.42
N LEU B 190 25.95 20.60 -0.71
CA LEU B 190 25.95 20.36 0.74
C LEU B 190 26.36 18.94 1.12
N ILE B 191 25.95 17.95 0.33
CA ILE B 191 26.35 16.56 0.60
C ILE B 191 27.86 16.32 0.37
N ILE B 192 28.42 16.96 -0.65
CA ILE B 192 29.85 16.85 -0.92
C ILE B 192 30.61 17.57 0.20
N ALA B 193 30.14 18.77 0.55
CA ALA B 193 30.77 19.54 1.60
C ALA B 193 30.78 18.82 2.95
N ASN B 194 29.71 18.08 3.25
N ASN B 194 29.70 18.09 3.24
CA ASN B 194 29.67 17.36 4.52
CA ASN B 194 29.61 17.35 4.51
C ASN B 194 30.38 16.01 4.48
C ASN B 194 30.27 15.97 4.45
N ASP B 195 30.87 15.64 3.30
CA ASP B 195 31.71 14.43 3.11
C ASP B 195 30.99 13.10 3.40
N ALA B 196 29.68 13.09 3.21
CA ALA B 196 28.90 11.86 3.37
C ALA B 196 29.28 10.79 2.37
N THR B 197 29.25 9.56 2.87
CA THR B 197 29.30 8.34 2.08
C THR B 197 27.86 7.89 1.71
N LEU B 198 26.89 8.24 2.56
CA LEU B 198 25.51 7.75 2.39
C LEU B 198 24.42 8.84 2.44
N LYS B 199 23.36 8.65 1.65
CA LYS B 199 22.24 9.58 1.53
C LYS B 199 20.92 8.84 1.77
N ASP B 200 20.14 9.26 2.78
CA ASP B 200 18.84 8.67 3.01
C ASP B 200 17.72 9.69 3.18
N MET B 201 16.57 9.24 3.69
CA MET B 201 15.38 10.09 3.85
C MET B 201 14.81 10.14 5.28
N GLU B 202 15.51 9.57 6.26
CA GLU B 202 15.01 9.67 7.65
C GLU B 202 16.04 9.74 8.77
N GLY B 203 17.24 9.19 8.54
CA GLY B 203 18.23 9.00 9.60
C GLY B 203 18.41 10.13 10.59
N ALA B 204 18.65 11.35 10.10
CA ALA B 204 18.97 12.47 10.99
C ALA B 204 17.77 12.90 11.82
N ALA B 205 16.57 12.64 11.31
CA ALA B 205 15.36 12.89 12.09
C ALA B 205 15.21 11.86 13.22
N VAL B 206 15.53 10.60 12.94
CA VAL B 206 15.60 9.57 13.99
C VAL B 206 16.61 9.98 15.08
N ALA B 207 17.78 10.46 14.68
CA ALA B 207 18.80 10.86 15.65
C ALA B 207 18.37 12.05 16.49
N TYR B 208 17.64 12.99 15.88
CA TYR B 208 17.14 14.15 16.62
C TYR B 208 16.20 13.71 17.74
N VAL B 209 15.29 12.82 17.42
CA VAL B 209 14.32 12.33 18.40
C VAL B 209 15.02 11.52 19.50
N ALA B 210 15.89 10.60 19.09
CA ALA B 210 16.66 9.78 20.02
C ALA B 210 17.52 10.63 20.94
N ASP B 211 18.11 11.69 20.40
CA ASP B 211 18.91 12.63 21.19
C ASP B 211 18.01 13.33 22.20
N LEU B 212 16.86 13.80 21.74
CA LEU B 212 15.87 14.45 22.59
C LEU B 212 15.48 13.55 23.77
N LEU B 213 15.31 12.26 23.52
CA LEU B 213 14.90 11.31 24.57
C LEU B 213 16.04 10.46 25.14
N LYS B 214 17.29 10.88 24.91
CA LYS B 214 18.47 10.19 25.47
C LYS B 214 18.49 8.65 25.29
N ILE B 215 18.22 8.21 24.05
CA ILE B 215 18.28 6.79 23.69
C ILE B 215 19.41 6.61 22.68
N PRO B 216 20.28 5.61 22.89
CA PRO B 216 21.33 5.36 21.91
C PRO B 216 20.72 4.95 20.58
N VAL B 217 21.32 5.44 19.49
CA VAL B 217 20.84 5.09 18.16
C VAL B 217 21.99 4.55 17.30
N VAL B 218 21.72 3.40 16.67
CA VAL B 218 22.60 2.75 15.69
C VAL B 218 21.87 2.77 14.34
N PHE B 219 22.62 2.89 13.25
CA PHE B 219 22.04 2.82 11.90
C PHE B 219 22.58 1.66 11.08
N LEU B 220 21.71 1.10 10.25
CA LEU B 220 22.07 0.07 9.30
C LEU B 220 21.45 0.52 7.99
N LYS B 221 22.31 0.92 7.07
CA LYS B 221 21.90 1.58 5.85
C LYS B 221 22.49 0.81 4.67
N ALA B 222 21.59 0.33 3.83
CA ALA B 222 21.94 -0.60 2.78
C ALA B 222 21.80 0.02 1.39
N VAL B 223 22.89 0.02 0.63
CA VAL B 223 23.01 0.77 -0.62
C VAL B 223 22.27 0.16 -1.81
N THR B 224 21.22 0.84 -2.26
CA THR B 224 20.49 0.39 -3.43
C THR B 224 20.92 1.09 -4.71
N ASP B 225 21.65 2.20 -4.55
CA ASP B 225 21.99 3.02 -5.70
C ASP B 225 23.21 3.90 -5.48
N LEU B 226 23.89 4.18 -6.58
CA LEU B 226 25.14 4.95 -6.57
C LEU B 226 24.82 6.34 -7.05
N VAL B 227 24.92 7.28 -6.13
CA VAL B 227 24.55 8.67 -6.38
C VAL B 227 25.54 9.36 -7.34
N ASP B 228 26.78 8.90 -7.37
CA ASP B 228 27.78 9.42 -8.32
C ASP B 228 27.93 8.51 -9.56
N GLY B 229 26.88 7.77 -9.88
CA GLY B 229 26.95 6.72 -10.91
C GLY B 229 26.18 7.05 -12.17
N ASP B 230 26.15 6.08 -13.10
CA ASP B 230 25.58 6.32 -14.44
C ASP B 230 24.16 5.81 -14.63
N LYS B 231 23.41 5.72 -13.53
CA LYS B 231 21.98 5.36 -13.59
C LYS B 231 21.12 6.42 -12.92
N PRO B 232 19.88 6.63 -13.39
CA PRO B 232 18.97 7.54 -12.66
C PRO B 232 18.61 6.94 -11.30
N THR B 233 18.48 7.78 -10.29
CA THR B 233 18.32 7.28 -8.92
C THR B 233 17.06 6.42 -8.72
N ALA B 234 15.92 6.95 -9.12
CA ALA B 234 14.65 6.23 -8.95
C ALA B 234 14.65 4.85 -9.63
N GLU B 235 15.20 4.75 -10.84
CA GLU B 235 15.30 3.47 -11.56
C GLU B 235 16.23 2.48 -10.88
N GLU B 236 17.40 2.93 -10.44
CA GLU B 236 18.38 2.04 -9.82
C GLU B 236 17.90 1.54 -8.46
N PHE B 237 17.31 2.45 -7.69
CA PHE B 237 16.77 2.12 -6.37
C PHE B 237 15.73 1.02 -6.51
N LEU B 238 14.77 1.21 -7.39
CA LEU B 238 13.68 0.26 -7.58
C LEU B 238 14.19 -1.09 -8.08
N GLN B 239 15.18 -1.05 -8.98
CA GLN B 239 15.78 -2.26 -9.56
C GLN B 239 16.43 -3.12 -8.48
N ASN B 240 17.18 -2.49 -7.56
CA ASN B 240 17.97 -3.23 -6.56
C ASN B 240 17.30 -3.43 -5.23
N LEU B 241 16.14 -2.81 -5.05
CA LEU B 241 15.43 -2.88 -3.77
C LEU B 241 15.25 -4.31 -3.20
N THR B 242 14.78 -5.25 -4.01
CA THR B 242 14.50 -6.61 -3.49
C THR B 242 15.76 -7.33 -2.98
N VAL B 243 16.82 -7.32 -3.79
CA VAL B 243 18.05 -8.01 -3.43
C VAL B 243 18.74 -7.32 -2.25
N VAL B 244 18.71 -5.98 -2.21
CA VAL B 244 19.42 -5.23 -1.16
C VAL B 244 18.71 -5.35 0.20
N THR B 245 17.38 -5.39 0.15
CA THR B 245 16.57 -5.68 1.34
C THR B 245 17.01 -7.00 2.01
N ALA B 246 17.26 -8.03 1.18
CA ALA B 246 17.73 -9.33 1.69
C ALA B 246 19.09 -9.23 2.38
N ALA B 247 20.01 -8.47 1.78
CA ALA B 247 21.31 -8.22 2.40
C ALA B 247 21.12 -7.45 3.72
N LEU B 248 20.22 -6.48 3.75
CA LEU B 248 19.95 -5.72 4.99
C LEU B 248 19.39 -6.62 6.12
N GLU B 249 18.48 -7.52 5.76
CA GLU B 249 18.00 -8.50 6.71
C GLU B 249 19.13 -9.41 7.26
N GLY B 250 20.03 -9.87 6.39
CA GLY B 250 21.17 -10.69 6.81
C GLY B 250 22.05 -9.99 7.85
N THR B 251 22.31 -8.70 7.63
CA THR B 251 23.05 -7.91 8.60
C THR B 251 22.27 -7.63 9.90
N ALA B 252 21.02 -7.21 9.76
CA ALA B 252 20.20 -6.87 10.94
C ALA B 252 20.03 -8.06 11.89
N THR B 253 19.87 -9.24 11.30
CA THR B 253 19.86 -10.49 12.01
C THR B 253 21.13 -10.68 12.84
N LYS B 254 22.30 -10.56 12.18
CA LYS B 254 23.59 -10.68 12.86
C LYS B 254 23.78 -9.62 13.95
N VAL B 255 23.33 -8.40 13.66
CA VAL B 255 23.33 -7.31 14.63
C VAL B 255 22.52 -7.70 15.87
N ILE B 256 21.33 -8.23 15.65
CA ILE B 256 20.49 -8.64 16.78
C ILE B 256 21.20 -9.70 17.64
N ASN B 257 21.75 -10.73 17.00
CA ASN B 257 22.41 -11.82 17.71
C ASN B 257 23.65 -11.36 18.46
N PHE B 258 24.39 -10.43 17.86
CA PHE B 258 25.56 -9.84 18.49
C PHE B 258 25.15 -9.13 19.77
N ILE B 259 24.16 -8.23 19.66
CA ILE B 259 23.67 -7.44 20.78
C ILE B 259 23.18 -8.29 21.97
N ASN B 260 22.57 -9.42 21.66
CA ASN B 260 22.01 -10.29 22.70
C ASN B 260 22.98 -10.60 23.85
N GLY B 261 22.59 -10.20 25.06
CA GLY B 261 23.36 -10.52 26.28
C GLY B 261 24.54 -9.61 26.58
N ARG B 262 24.66 -8.54 25.80
CA ARG B 262 25.70 -7.54 26.02
C ARG B 262 25.10 -6.31 26.68
N ASN B 263 25.93 -5.54 27.36
CA ASN B 263 25.53 -4.22 27.77
C ASN B 263 26.07 -3.20 26.76
N LEU B 264 25.68 -1.94 26.94
CA LEU B 264 26.01 -0.89 26.00
C LEU B 264 27.52 -0.66 25.81
N SER B 265 28.28 -0.83 26.90
CA SER B 265 29.75 -0.77 26.87
C SER B 265 30.37 -1.84 25.99
N ASP B 266 29.75 -3.00 25.92
CA ASP B 266 30.26 -4.13 25.12
C ASP B 266 29.87 -3.92 23.68
N LEU B 267 28.95 -2.96 23.47
CA LEU B 267 28.39 -2.55 22.16
C LEU B 267 26.88 -2.72 21.93
N GLU C 21 -41.32 -20.50 0.49
CA GLU C 21 -40.34 -19.46 0.03
C GLU C 21 -41.04 -18.29 -0.70
N ILE C 22 -41.68 -17.40 0.06
CA ILE C 22 -42.28 -16.20 -0.53
C ILE C 22 -41.21 -15.16 -0.84
N LEU C 23 -41.39 -14.40 -1.91
CA LEU C 23 -40.43 -13.35 -2.28
C LEU C 23 -40.64 -12.12 -1.40
N ARG C 24 -39.56 -11.40 -1.14
CA ARG C 24 -39.59 -10.29 -0.20
C ARG C 24 -38.59 -9.24 -0.65
N PRO C 25 -38.72 -8.00 -0.13
CA PRO C 25 -37.76 -6.93 -0.43
C PRO C 25 -36.31 -7.34 -0.15
N ILE C 26 -35.39 -6.91 -1.01
CA ILE C 26 -33.94 -7.06 -0.79
C ILE C 26 -33.58 -6.74 0.66
N SER C 27 -32.92 -7.69 1.33
CA SER C 27 -32.53 -7.53 2.75
C SER C 27 -31.02 -7.32 2.97
N SER C 28 -30.22 -7.81 2.02
CA SER C 28 -28.77 -7.88 2.18
C SER C 28 -28.04 -7.56 0.88
N VAL C 29 -27.13 -6.59 0.95
CA VAL C 29 -26.30 -6.19 -0.18
C VAL C 29 -24.83 -6.39 0.17
N VAL C 30 -24.06 -6.97 -0.76
CA VAL C 30 -22.61 -7.01 -0.66
C VAL C 30 -21.97 -6.11 -1.74
N PHE C 31 -21.03 -5.26 -1.33
CA PHE C 31 -20.16 -4.53 -2.27
C PHE C 31 -18.86 -5.28 -2.39
N VAL C 32 -18.43 -5.57 -3.60
CA VAL C 32 -17.08 -6.02 -3.84
C VAL C 32 -16.29 -4.84 -4.37
N ILE C 33 -15.32 -4.41 -3.58
CA ILE C 33 -14.50 -3.25 -3.91
C ILE C 33 -13.01 -3.61 -3.79
N ALA C 34 -12.26 -3.39 -4.87
CA ALA C 34 -10.84 -3.79 -4.96
C ALA C 34 -9.85 -2.94 -4.14
N MET C 35 -10.14 -1.66 -3.96
CA MET C 35 -9.18 -0.75 -3.30
C MET C 35 -9.76 -0.16 -2.02
N GLN C 36 -8.98 -0.21 -0.95
CA GLN C 36 -9.36 0.36 0.35
C GLN C 36 -9.83 1.80 0.23
N ALA C 37 -9.13 2.63 -0.54
CA ALA C 37 -9.55 4.03 -0.67
C ALA C 37 -10.86 4.21 -1.42
N GLU C 38 -11.18 3.30 -2.33
CA GLU C 38 -12.48 3.29 -2.99
C GLU C 38 -13.62 2.91 -2.05
N ALA C 39 -13.33 1.99 -1.13
CA ALA C 39 -14.31 1.48 -0.15
C ALA C 39 -14.61 2.47 0.98
N LEU C 40 -13.56 3.12 1.47
CA LEU C 40 -13.64 3.91 2.70
C LEU C 40 -14.68 5.06 2.70
N PRO C 41 -14.86 5.76 1.55
CA PRO C 41 -15.93 6.76 1.52
C PRO C 41 -17.31 6.16 1.76
N LEU C 42 -17.55 4.94 1.28
CA LEU C 42 -18.85 4.28 1.48
C LEU C 42 -19.06 3.85 2.92
N VAL C 43 -17.99 3.37 3.53
CA VAL C 43 -17.96 2.94 4.93
C VAL C 43 -18.36 4.09 5.85
N ASN C 44 -17.73 5.24 5.64
CA ASN C 44 -18.00 6.44 6.43
C ASN C 44 -19.41 6.96 6.22
N LYS C 45 -19.85 6.95 4.97
CA LYS C 45 -21.16 7.48 4.61
C LYS C 45 -22.22 6.73 5.39
N PHE C 46 -22.18 5.40 5.30
CA PHE C 46 -23.19 4.58 5.92
C PHE C 46 -22.85 4.08 7.32
N GLY C 47 -21.75 4.58 7.86
CA GLY C 47 -21.32 4.26 9.22
C GLY C 47 -21.17 2.78 9.48
N LEU C 48 -20.52 2.08 8.57
CA LEU C 48 -20.21 0.67 8.74
C LEU C 48 -18.94 0.56 9.56
N SER C 49 -18.79 -0.55 10.26
CA SER C 49 -17.59 -0.77 11.07
C SER C 49 -16.89 -2.01 10.55
N GLU C 50 -15.59 -2.11 10.80
CA GLU C 50 -14.80 -3.24 10.34
C GLU C 50 -15.18 -4.48 11.14
N THR C 51 -15.40 -5.60 10.45
CA THR C 51 -15.70 -6.85 11.14
C THR C 51 -14.44 -7.32 11.88
N THR C 52 -14.65 -7.98 13.03
CA THR C 52 -13.56 -8.55 13.83
C THR C 52 -13.65 -10.07 13.96
N ASP C 53 -14.71 -10.67 13.43
CA ASP C 53 -14.95 -12.11 13.64
C ASP C 53 -14.53 -13.02 12.48
N SER C 54 -13.72 -12.50 11.56
CA SER C 54 -13.22 -13.26 10.39
C SER C 54 -14.30 -14.17 9.77
N PRO C 55 -15.33 -13.56 9.17
CA PRO C 55 -16.43 -14.39 8.69
C PRO C 55 -16.06 -15.22 7.46
N LEU C 56 -15.08 -14.77 6.68
CA LEU C 56 -14.76 -15.43 5.41
C LEU C 56 -13.67 -16.48 5.55
N GLY C 57 -13.05 -16.51 6.73
CA GLY C 57 -11.85 -17.28 6.94
C GLY C 57 -10.86 -16.55 7.82
N LYS C 58 -10.19 -17.33 8.65
CA LYS C 58 -9.20 -16.86 9.59
C LYS C 58 -7.84 -16.73 8.87
N GLY C 59 -7.05 -15.71 9.24
CA GLY C 59 -5.68 -15.54 8.74
C GLY C 59 -5.52 -14.85 7.39
N LEU C 60 -6.56 -14.11 6.98
CA LEU C 60 -6.57 -13.54 5.63
C LEU C 60 -6.39 -12.03 5.61
N PRO C 61 -5.87 -11.49 4.48
CA PRO C 61 -5.72 -10.04 4.35
C PRO C 61 -7.03 -9.33 4.04
N TRP C 62 -8.10 -10.07 3.79
CA TRP C 62 -9.35 -9.45 3.32
C TRP C 62 -10.02 -8.58 4.37
N VAL C 63 -10.54 -7.45 3.94
CA VAL C 63 -11.19 -6.50 4.84
C VAL C 63 -12.70 -6.46 4.57
N LEU C 64 -13.46 -6.62 5.65
CA LEU C 64 -14.90 -6.64 5.60
C LEU C 64 -15.46 -5.51 6.46
N TYR C 65 -16.51 -4.85 5.98
CA TYR C 65 -17.22 -3.85 6.76
C TYR C 65 -18.71 -4.19 6.77
N HIS C 66 -19.32 -4.20 7.95
CA HIS C 66 -20.77 -4.39 8.06
C HIS C 66 -21.49 -3.23 8.75
N GLY C 67 -22.72 -3.00 8.31
CA GLY C 67 -23.63 -2.06 8.95
C GLY C 67 -25.07 -2.34 8.53
N VAL C 68 -25.97 -1.58 9.14
CA VAL C 68 -27.36 -1.61 8.74
C VAL C 68 -27.76 -0.19 8.37
N HIS C 69 -28.35 -0.06 7.20
CA HIS C 69 -28.90 1.20 6.78
C HIS C 69 -30.36 1.01 6.43
N LYS C 70 -31.24 1.53 7.29
CA LYS C 70 -32.69 1.42 7.14
C LYS C 70 -33.13 -0.05 7.06
N ASP C 71 -33.67 -0.46 5.92
CA ASP C 71 -34.17 -1.84 5.80
C ASP C 71 -33.13 -2.80 5.19
N LEU C 72 -31.85 -2.40 5.25
CA LEU C 72 -30.84 -3.04 4.43
C LEU C 72 -29.58 -3.40 5.19
N ARG C 73 -29.21 -4.68 5.18
CA ARG C 73 -27.92 -5.10 5.73
CA ARG C 73 -27.91 -5.06 5.74
C ARG C 73 -26.84 -4.84 4.67
N ILE C 74 -25.78 -4.12 5.04
CA ILE C 74 -24.69 -3.82 4.08
C ILE C 74 -23.35 -4.43 4.47
N ASN C 75 -22.77 -5.18 3.54
CA ASN C 75 -21.43 -5.73 3.69
C ASN C 75 -20.54 -5.24 2.57
N VAL C 76 -19.38 -4.72 2.94
CA VAL C 76 -18.42 -4.22 1.96
C VAL C 76 -17.18 -5.09 2.08
N VAL C 77 -16.81 -5.77 1.00
CA VAL C 77 -15.63 -6.64 1.07
C VAL C 77 -14.52 -6.17 0.11
N CYS C 78 -13.30 -6.12 0.62
CA CYS C 78 -12.13 -5.71 -0.13
C CYS C 78 -11.11 -6.83 -0.06
N PRO C 79 -10.29 -6.99 -1.12
CA PRO C 79 -9.31 -8.08 -1.11
C PRO C 79 -8.15 -7.77 -0.17
N GLY C 80 -8.17 -6.58 0.41
CA GLY C 80 -7.12 -6.21 1.36
C GLY C 80 -5.84 -5.81 0.67
N ARG C 81 -4.98 -5.13 1.39
CA ARG C 81 -3.68 -4.78 0.85
C ARG C 81 -2.73 -6.00 0.83
N ASP C 82 -1.83 -6.05 -0.15
CA ASP C 82 -0.96 -7.21 -0.30
C ASP C 82 0.03 -7.33 0.85
N ALA C 83 0.13 -8.53 1.42
CA ALA C 83 1.00 -8.77 2.58
C ALA C 83 2.43 -8.27 2.37
N ALA C 84 3.02 -8.73 1.26
CA ALA C 84 4.40 -8.45 0.94
C ALA C 84 4.67 -6.97 0.62
N LEU C 85 3.85 -6.42 -0.28
CA LEU C 85 4.11 -5.13 -0.93
C LEU C 85 3.28 -3.95 -0.43
N GLY C 86 2.05 -4.19 0.03
CA GLY C 86 1.28 -3.15 0.71
C GLY C 86 0.29 -2.32 -0.11
N ILE C 87 0.34 -2.43 -1.44
CA ILE C 87 -0.69 -1.86 -2.31
C ILE C 87 -1.92 -2.77 -2.35
N ASP C 88 -3.04 -2.26 -2.88
CA ASP C 88 -4.31 -3.02 -2.95
C ASP C 88 -4.22 -4.28 -3.82
N SER C 89 -4.89 -5.33 -3.40
CA SER C 89 -4.76 -6.61 -4.09
C SER C 89 -5.71 -6.65 -5.29
N VAL C 90 -5.37 -5.88 -6.31
CA VAL C 90 -6.19 -5.69 -7.51
C VAL C 90 -6.17 -6.95 -8.40
N GLY C 91 -7.11 -6.99 -9.36
CA GLY C 91 -7.12 -8.07 -10.35
C GLY C 91 -8.16 -9.15 -10.11
N THR C 92 -8.31 -10.01 -11.12
CA THR C 92 -9.42 -10.93 -11.20
C THR C 92 -9.38 -12.00 -10.14
N VAL C 93 -8.18 -12.49 -9.83
CA VAL C 93 -8.07 -13.60 -8.87
C VAL C 93 -8.58 -13.23 -7.45
N PRO C 94 -8.00 -12.19 -6.80
CA PRO C 94 -8.53 -11.80 -5.47
C PRO C 94 -10.01 -11.35 -5.47
N ALA C 95 -10.46 -10.67 -6.52
CA ALA C 95 -11.86 -10.29 -6.63
C ALA C 95 -12.78 -11.51 -6.64
N SER C 96 -12.33 -12.56 -7.32
CA SER C 96 -13.16 -13.75 -7.46
CA SER C 96 -13.13 -13.77 -7.46
C SER C 96 -13.20 -14.50 -6.13
N LEU C 97 -12.04 -14.59 -5.47
CA LEU C 97 -11.96 -15.19 -4.15
C LEU C 97 -12.94 -14.52 -3.15
N ILE C 98 -12.88 -13.20 -3.04
CA ILE C 98 -13.74 -12.50 -2.07
C ILE C 98 -15.23 -12.56 -2.46
N THR C 99 -15.51 -12.48 -3.76
CA THR C 99 -16.87 -12.69 -4.24
C THR C 99 -17.34 -14.09 -3.84
N PHE C 100 -16.50 -15.10 -4.10
CA PHE C 100 -16.85 -16.50 -3.75
C PHE C 100 -17.12 -16.68 -2.25
N ALA C 101 -16.25 -16.11 -1.43
CA ALA C 101 -16.32 -16.30 0.02
C ALA C 101 -17.47 -15.49 0.66
N SER C 102 -17.67 -14.27 0.18
CA SER C 102 -18.76 -13.41 0.67
C SER C 102 -20.10 -14.03 0.38
N ILE C 103 -20.23 -14.59 -0.81
CA ILE C 103 -21.48 -15.22 -1.21
C ILE C 103 -21.81 -16.35 -0.25
N GLN C 104 -20.87 -17.27 -0.04
CA GLN C 104 -21.13 -18.47 0.77
C GLN C 104 -21.35 -18.18 2.28
N ALA C 105 -20.62 -17.20 2.81
CA ALA C 105 -20.69 -16.82 4.23
C ALA C 105 -21.77 -15.77 4.54
N LEU C 106 -21.88 -14.75 3.69
CA LEU C 106 -22.76 -13.61 3.95
C LEU C 106 -24.13 -13.70 3.27
N LYS C 107 -24.29 -14.64 2.34
CA LYS C 107 -25.57 -14.93 1.69
C LYS C 107 -26.37 -13.70 1.24
N PRO C 108 -25.75 -12.85 0.39
CA PRO C 108 -26.35 -11.62 -0.14
C PRO C 108 -27.48 -11.85 -1.13
N ASP C 109 -28.45 -10.94 -1.16
CA ASP C 109 -29.50 -10.96 -2.17
C ASP C 109 -28.99 -10.46 -3.52
N ILE C 110 -27.99 -9.59 -3.49
CA ILE C 110 -27.45 -8.95 -4.67
C ILE C 110 -26.01 -8.50 -4.37
N ILE C 111 -25.18 -8.45 -5.42
CA ILE C 111 -23.80 -7.96 -5.30
C ILE C 111 -23.64 -6.67 -6.08
N ILE C 112 -22.97 -5.68 -5.49
CA ILE C 112 -22.57 -4.52 -6.26
C ILE C 112 -21.05 -4.47 -6.35
N ASN C 113 -20.54 -4.58 -7.56
CA ASN C 113 -19.12 -4.41 -7.80
C ASN C 113 -18.88 -2.97 -8.22
N ALA C 114 -18.31 -2.20 -7.30
CA ALA C 114 -18.06 -0.77 -7.48
C ALA C 114 -16.57 -0.54 -7.57
N GLY C 115 -16.15 0.17 -8.62
CA GLY C 115 -14.73 0.45 -8.80
C GLY C 115 -14.46 1.49 -9.87
N THR C 116 -13.17 1.76 -10.06
CA THR C 116 -12.75 2.70 -11.09
C THR C 116 -12.43 1.92 -12.35
N CYS C 117 -12.38 2.62 -13.47
CA CYS C 117 -12.15 2.01 -14.75
C CYS C 117 -11.59 3.02 -15.72
N GLY C 118 -11.09 2.56 -16.86
CA GLY C 118 -10.78 3.43 -17.96
C GLY C 118 -12.01 3.51 -18.84
N GLY C 119 -12.15 4.61 -19.57
CA GLY C 119 -13.27 4.76 -20.49
C GLY C 119 -12.77 5.13 -21.88
N PHE C 120 -13.62 4.93 -22.88
CA PHE C 120 -13.32 5.40 -24.25
C PHE C 120 -14.17 6.62 -24.61
N LYS C 121 -13.52 7.76 -24.85
CA LYS C 121 -14.30 8.95 -25.25
C LYS C 121 -15.02 8.78 -26.59
N VAL C 122 -14.49 7.96 -27.49
CA VAL C 122 -15.20 7.65 -28.74
C VAL C 122 -16.55 6.94 -28.42
N LYS C 123 -16.64 6.36 -27.22
CA LYS C 123 -17.82 5.61 -26.80
C LYS C 123 -18.71 6.41 -25.86
N GLY C 124 -18.36 7.67 -25.66
CA GLY C 124 -19.17 8.60 -24.86
C GLY C 124 -18.75 8.73 -23.41
N ALA C 125 -17.68 8.04 -23.05
CA ALA C 125 -17.18 8.10 -21.68
C ALA C 125 -16.41 9.39 -21.38
N ASN C 126 -16.74 10.03 -20.27
CA ASN C 126 -15.95 11.16 -19.77
C ASN C 126 -15.38 10.85 -18.40
N ILE C 127 -14.24 11.46 -18.06
CA ILE C 127 -13.67 11.31 -16.71
C ILE C 127 -14.65 11.79 -15.64
N GLY C 128 -14.84 10.98 -14.59
CA GLY C 128 -15.80 11.31 -13.53
C GLY C 128 -17.17 10.66 -13.71
N ASP C 129 -17.47 10.19 -14.92
CA ASP C 129 -18.68 9.43 -15.20
C ASP C 129 -18.72 8.15 -14.38
N VAL C 130 -19.91 7.84 -13.85
CA VAL C 130 -20.14 6.60 -13.15
C VAL C 130 -21.15 5.79 -13.95
N PHE C 131 -20.64 4.79 -14.65
CA PHE C 131 -21.46 3.99 -15.52
C PHE C 131 -22.23 2.89 -14.81
N LEU C 132 -23.39 2.56 -15.37
CA LEU C 132 -24.08 1.33 -15.05
C LEU C 132 -23.75 0.31 -16.16
N VAL C 133 -22.92 -0.66 -15.84
CA VAL C 133 -22.53 -1.67 -16.80
C VAL C 133 -23.71 -2.55 -17.18
N SER C 134 -23.91 -2.74 -18.49
CA SER C 134 -24.98 -3.60 -19.00
C SER C 134 -24.52 -5.05 -19.13
N ASP C 135 -23.30 -5.23 -19.64
CA ASP C 135 -22.73 -6.56 -19.78
C ASP C 135 -21.19 -6.54 -19.76
N VAL C 136 -20.59 -7.71 -19.55
CA VAL C 136 -19.15 -7.80 -19.29
CA VAL C 136 -19.15 -7.79 -19.31
C VAL C 136 -18.45 -8.90 -20.10
N VAL C 137 -17.19 -8.65 -20.46
CA VAL C 137 -16.31 -9.58 -21.16
C VAL C 137 -14.87 -9.51 -20.59
N PHE C 138 -14.07 -10.52 -20.91
CA PHE C 138 -12.63 -10.48 -20.69
C PHE C 138 -12.00 -10.21 -22.04
N HIS C 139 -10.92 -9.42 -22.08
CA HIS C 139 -10.12 -9.23 -23.30
C HIS C 139 -8.78 -9.98 -23.23
N ASP C 140 -8.48 -10.59 -22.09
CA ASP C 140 -7.19 -11.27 -21.91
C ASP C 140 -7.24 -12.78 -21.65
N ARG C 141 -8.34 -13.45 -22.05
CA ARG C 141 -8.37 -14.92 -22.05
C ARG C 141 -8.62 -15.45 -23.45
N ARG C 142 -7.57 -15.47 -24.24
CA ARG C 142 -7.65 -15.87 -25.63
C ARG C 142 -7.40 -17.38 -25.71
N ILE C 143 -8.45 -18.16 -25.95
CA ILE C 143 -8.26 -19.57 -26.21
C ILE C 143 -8.78 -19.87 -27.61
N PRO C 144 -7.89 -19.90 -28.62
CA PRO C 144 -8.33 -19.94 -30.01
C PRO C 144 -8.73 -21.36 -30.44
N ILE C 145 -9.67 -21.93 -29.71
CA ILE C 145 -10.28 -23.23 -29.98
C ILE C 145 -11.79 -22.97 -29.87
N PRO C 146 -12.61 -23.52 -30.79
CA PRO C 146 -14.03 -23.25 -30.61
C PRO C 146 -14.54 -23.79 -29.27
N MET C 147 -15.58 -23.14 -28.75
CA MET C 147 -16.16 -23.39 -27.41
C MET C 147 -15.31 -22.75 -26.31
N PHE C 148 -14.04 -23.15 -26.20
CA PHE C 148 -13.07 -22.47 -25.34
C PHE C 148 -13.01 -20.95 -25.63
N ASP C 149 -13.10 -20.57 -26.90
CA ASP C 149 -13.01 -19.14 -27.24
C ASP C 149 -14.09 -18.30 -26.57
N LEU C 150 -15.33 -18.77 -26.67
CA LEU C 150 -16.47 -18.10 -26.04
C LEU C 150 -16.37 -18.15 -24.53
N TYR C 151 -15.96 -19.31 -24.02
CA TYR C 151 -15.72 -19.49 -22.61
C TYR C 151 -14.71 -18.45 -22.09
N GLY C 152 -13.56 -18.35 -22.75
CA GLY C 152 -12.57 -17.32 -22.46
C GLY C 152 -13.17 -15.92 -22.44
N VAL C 153 -13.89 -15.53 -23.48
CA VAL C 153 -14.51 -14.22 -23.50
C VAL C 153 -15.50 -13.99 -22.33
N GLY C 154 -16.24 -15.04 -21.95
CA GLY C 154 -17.15 -15.00 -20.81
C GLY C 154 -18.12 -13.83 -20.78
N LEU C 155 -18.75 -13.57 -21.93
CA LEU C 155 -19.78 -12.52 -22.03
C LEU C 155 -20.88 -12.85 -21.04
N ARG C 156 -21.17 -11.90 -20.15
CA ARG C 156 -22.24 -12.06 -19.17
C ARG C 156 -23.02 -10.76 -18.99
N GLN C 157 -24.34 -10.90 -18.88
CA GLN C 157 -25.23 -9.74 -18.63
C GLN C 157 -25.29 -9.41 -17.14
N ALA C 158 -25.16 -8.14 -16.80
CA ALA C 158 -25.43 -7.70 -15.44
C ALA C 158 -26.92 -7.85 -15.17
N PHE C 159 -27.28 -7.99 -13.90
CA PHE C 159 -28.69 -8.03 -13.50
C PHE C 159 -29.48 -6.83 -14.05
N SER C 160 -30.69 -7.08 -14.52
CA SER C 160 -31.54 -6.04 -15.09
C SER C 160 -32.05 -5.09 -13.99
N THR C 161 -31.70 -3.81 -14.12
CA THR C 161 -32.19 -2.78 -13.19
C THR C 161 -32.81 -1.57 -13.94
N PRO C 162 -33.90 -1.79 -14.70
CA PRO C 162 -34.44 -0.68 -15.53
C PRO C 162 -34.89 0.55 -14.74
N ASN C 163 -35.56 0.37 -13.61
CA ASN C 163 -36.07 1.49 -12.81
C ASN C 163 -34.94 2.35 -12.18
N LEU C 164 -33.90 1.67 -11.69
CA LEU C 164 -32.67 2.31 -11.19
C LEU C 164 -32.07 3.22 -12.25
N LEU C 165 -31.97 2.70 -13.46
CA LEU C 165 -31.41 3.43 -14.59
C LEU C 165 -32.27 4.62 -14.96
N LYS C 166 -33.59 4.43 -15.00
CA LYS C 166 -34.57 5.52 -15.22
C LYS C 166 -34.53 6.62 -14.16
N GLU C 167 -34.27 6.24 -12.91
CA GLU C 167 -34.20 7.20 -11.83
C GLU C 167 -32.85 7.93 -11.79
N LEU C 168 -31.76 7.15 -11.87
CA LEU C 168 -30.40 7.67 -11.66
C LEU C 168 -29.79 8.26 -12.91
N ASN C 169 -30.20 7.78 -14.09
CA ASN C 169 -29.74 8.31 -15.38
C ASN C 169 -28.22 8.12 -15.61
N LEU C 170 -27.71 6.98 -15.18
CA LEU C 170 -26.30 6.67 -15.36
C LEU C 170 -26.07 6.26 -16.79
N LYS C 171 -24.96 6.72 -17.35
CA LYS C 171 -24.54 6.20 -18.63
C LYS C 171 -24.38 4.66 -18.54
N ILE C 172 -24.55 3.99 -19.67
CA ILE C 172 -24.44 2.56 -19.74
C ILE C 172 -23.49 2.12 -20.84
N GLY C 173 -22.97 0.91 -20.70
CA GLY C 173 -22.15 0.32 -21.74
C GLY C 173 -21.46 -0.93 -21.26
N ARG C 174 -20.78 -1.59 -22.20
CA ARG C 174 -20.14 -2.87 -21.95
C ARG C 174 -18.83 -2.65 -21.23
N LEU C 175 -18.56 -3.47 -20.21
CA LEU C 175 -17.27 -3.48 -19.54
C LEU C 175 -16.35 -4.59 -20.08
N SER C 176 -15.08 -4.27 -20.26
CA SER C 176 -14.12 -5.29 -20.70
C SER C 176 -12.99 -5.47 -19.70
N THR C 177 -12.86 -6.68 -19.16
CA THR C 177 -11.97 -6.97 -18.03
C THR C 177 -10.69 -7.69 -18.41
N GLY C 178 -9.59 -7.41 -17.69
CA GLY C 178 -8.30 -8.07 -17.89
C GLY C 178 -7.38 -7.67 -16.76
N ASP C 179 -6.33 -8.46 -16.54
CA ASP C 179 -5.44 -8.24 -15.40
C ASP C 179 -4.35 -7.20 -15.64
N SER C 180 -4.39 -6.50 -16.77
CA SER C 180 -3.42 -5.44 -17.01
C SER C 180 -4.09 -4.06 -17.04
N LEU C 181 -3.48 -3.12 -16.30
CA LEU C 181 -3.88 -1.72 -16.25
C LEU C 181 -3.58 -1.05 -17.58
N ASP C 182 -2.48 -1.46 -18.21
CA ASP C 182 -2.15 -0.95 -19.55
C ASP C 182 -2.92 -1.73 -20.61
N MET C 183 -2.64 -1.45 -21.89
CA MET C 183 -3.35 -2.13 -22.97
C MET C 183 -2.39 -2.53 -24.06
N SER C 184 -2.24 -3.84 -24.28
CA SER C 184 -1.39 -4.33 -25.38
C SER C 184 -2.15 -4.22 -26.68
N THR C 185 -1.45 -4.39 -27.79
CA THR C 185 -2.10 -4.28 -29.09
C THR C 185 -3.12 -5.40 -29.28
N GLN C 186 -2.80 -6.58 -28.75
CA GLN C 186 -3.75 -7.70 -28.71
C GLN C 186 -4.97 -7.41 -27.83
N ASP C 187 -4.75 -6.79 -26.66
CA ASP C 187 -5.89 -6.41 -25.82
C ASP C 187 -6.86 -5.48 -26.58
N GLU C 188 -6.31 -4.44 -27.20
CA GLU C 188 -7.09 -3.40 -27.90
C GLU C 188 -7.92 -3.97 -29.06
N THR C 189 -7.31 -4.82 -29.88
CA THR C 189 -8.02 -5.51 -30.97
C THR C 189 -9.29 -6.20 -30.46
N LEU C 190 -9.21 -6.87 -29.32
CA LEU C 190 -10.37 -7.56 -28.75
C LEU C 190 -11.35 -6.59 -28.07
N ILE C 191 -10.83 -5.54 -27.46
CA ILE C 191 -11.64 -4.49 -26.86
C ILE C 191 -12.44 -3.71 -27.92
N ILE C 192 -11.77 -3.32 -29.01
CA ILE C 192 -12.43 -2.70 -30.16
C ILE C 192 -13.55 -3.59 -30.71
N ALA C 193 -13.28 -4.88 -30.90
CA ALA C 193 -14.26 -5.80 -31.50
C ALA C 193 -15.41 -6.18 -30.56
N ASN C 194 -15.14 -6.19 -29.24
CA ASN C 194 -16.23 -6.41 -28.28
CA ASN C 194 -16.22 -6.41 -28.27
C ASN C 194 -17.04 -5.13 -28.02
N ASP C 195 -16.61 -4.02 -28.61
CA ASP C 195 -17.39 -2.77 -28.57
C ASP C 195 -17.61 -2.26 -27.14
N ALA C 196 -16.60 -2.48 -26.29
CA ALA C 196 -16.64 -2.01 -24.91
C ALA C 196 -16.54 -0.52 -24.82
N THR C 197 -17.18 0.04 -23.81
CA THR C 197 -17.07 1.44 -23.46
C THR C 197 -16.07 1.61 -22.31
N LEU C 198 -16.03 0.61 -21.43
CA LEU C 198 -15.22 0.67 -20.20
C LEU C 198 -14.20 -0.48 -20.10
N LYS C 199 -13.05 -0.21 -19.47
CA LYS C 199 -11.98 -1.18 -19.27
C LYS C 199 -11.64 -1.27 -17.78
N ASP C 200 -11.69 -2.48 -17.20
CA ASP C 200 -11.29 -2.65 -15.79
C ASP C 200 -10.44 -3.91 -15.52
N MET C 201 -10.27 -4.26 -14.25
CA MET C 201 -9.41 -5.39 -13.89
C MET C 201 -10.06 -6.49 -13.02
N GLU C 202 -11.40 -6.50 -12.88
CA GLU C 202 -12.05 -7.49 -12.04
CA GLU C 202 -12.06 -7.47 -12.00
C GLU C 202 -13.45 -7.89 -12.49
N GLY C 203 -14.17 -6.94 -13.09
CA GLY C 203 -15.60 -7.11 -13.38
C GLY C 203 -16.10 -8.46 -13.91
N ALA C 204 -15.47 -8.93 -14.98
CA ALA C 204 -15.95 -10.14 -15.65
C ALA C 204 -15.71 -11.37 -14.79
N ALA C 205 -14.80 -11.22 -13.83
CA ALA C 205 -14.46 -12.31 -12.92
C ALA C 205 -15.47 -12.38 -11.78
N VAL C 206 -15.81 -11.23 -11.19
CA VAL C 206 -16.94 -11.14 -10.25
C VAL C 206 -18.22 -11.74 -10.85
N ALA C 207 -18.52 -11.36 -12.10
CA ALA C 207 -19.70 -11.87 -12.78
C ALA C 207 -19.65 -13.37 -12.99
N TYR C 208 -18.46 -13.90 -13.28
CA TYR C 208 -18.32 -15.35 -13.40
C TYR C 208 -18.67 -16.02 -12.08
N VAL C 209 -18.15 -15.48 -10.98
CA VAL C 209 -18.42 -16.07 -9.67
C VAL C 209 -19.89 -15.94 -9.29
N ALA C 210 -20.45 -14.73 -9.46
CA ALA C 210 -21.89 -14.49 -9.24
C ALA C 210 -22.79 -15.42 -10.08
N ASP C 211 -22.41 -15.62 -11.34
CA ASP C 211 -23.16 -16.55 -12.20
C ASP C 211 -23.13 -17.95 -11.59
N LEU C 212 -21.94 -18.42 -11.23
CA LEU C 212 -21.74 -19.77 -10.65
C LEU C 212 -22.60 -20.02 -9.41
N LEU C 213 -22.73 -19.02 -8.56
CA LEU C 213 -23.51 -19.17 -7.36
C LEU C 213 -24.88 -18.51 -7.49
N LYS C 214 -25.24 -18.12 -8.71
CA LYS C 214 -26.57 -17.57 -9.01
C LYS C 214 -26.96 -16.37 -8.12
N ILE C 215 -26.06 -15.40 -8.04
CA ILE C 215 -26.34 -14.20 -7.28
C ILE C 215 -26.40 -13.06 -8.28
N PRO C 216 -27.51 -12.29 -8.27
CA PRO C 216 -27.67 -11.04 -9.03
C PRO C 216 -26.46 -10.12 -8.83
N VAL C 217 -25.86 -9.67 -9.92
CA VAL C 217 -24.73 -8.72 -9.81
C VAL C 217 -24.95 -7.48 -10.67
N VAL C 218 -24.57 -6.33 -10.10
CA VAL C 218 -24.54 -5.08 -10.84
C VAL C 218 -23.17 -4.40 -10.64
N PHE C 219 -22.84 -3.49 -11.55
CA PHE C 219 -21.51 -2.92 -11.61
C PHE C 219 -21.58 -1.39 -11.69
N LEU C 220 -20.85 -0.74 -10.81
CA LEU C 220 -20.71 0.70 -10.85
C LEU C 220 -19.27 1.01 -11.13
N LYS C 221 -19.01 1.52 -12.32
CA LYS C 221 -17.66 1.74 -12.79
C LYS C 221 -17.44 3.21 -13.11
N ALA C 222 -16.52 3.81 -12.36
CA ALA C 222 -16.24 5.25 -12.40
C ALA C 222 -14.96 5.53 -13.20
N VAL C 223 -15.08 6.43 -14.16
CA VAL C 223 -14.01 6.65 -15.14
C VAL C 223 -12.90 7.57 -14.65
N THR C 224 -11.70 7.01 -14.51
CA THR C 224 -10.53 7.74 -14.01
C THR C 224 -9.59 8.23 -15.09
N ASP C 225 -9.67 7.59 -16.26
CA ASP C 225 -8.75 7.91 -17.34
C ASP C 225 -9.32 7.49 -18.68
N LEU C 226 -8.94 8.24 -19.72
CA LEU C 226 -9.36 7.96 -21.10
C LEU C 226 -8.33 7.11 -21.88
N VAL C 227 -8.71 5.87 -22.17
CA VAL C 227 -7.82 4.92 -22.84
C VAL C 227 -7.46 5.37 -24.25
N ASP C 228 -8.35 6.17 -24.86
CA ASP C 228 -8.16 6.71 -26.19
C ASP C 228 -7.93 8.24 -26.18
N GLY C 229 -7.53 8.77 -25.03
CA GLY C 229 -7.14 10.17 -24.89
C GLY C 229 -5.63 10.31 -24.96
N ASP C 230 -5.10 11.44 -24.49
CA ASP C 230 -3.68 11.76 -24.66
C ASP C 230 -2.77 11.66 -23.42
N LYS C 231 -3.31 11.21 -22.29
CA LYS C 231 -2.52 11.07 -21.08
C LYS C 231 -2.09 9.64 -20.82
N PRO C 232 -0.83 9.43 -20.37
CA PRO C 232 -0.43 8.07 -19.98
C PRO C 232 -1.37 7.48 -18.93
N THR C 233 -1.73 6.22 -19.12
CA THR C 233 -2.79 5.57 -18.35
C THR C 233 -2.58 5.61 -16.84
N ALA C 234 -1.46 5.06 -16.37
CA ALA C 234 -1.19 4.95 -14.94
C ALA C 234 -1.18 6.34 -14.29
N GLU C 235 -0.53 7.29 -14.96
CA GLU C 235 -0.48 8.68 -14.52
C GLU C 235 -1.86 9.33 -14.40
N GLU C 236 -2.71 9.19 -15.42
CA GLU C 236 -4.06 9.82 -15.38
C GLU C 236 -4.94 9.22 -14.30
N PHE C 237 -4.81 7.90 -14.13
CA PHE C 237 -5.51 7.12 -13.14
C PHE C 237 -5.16 7.55 -11.73
N LEU C 238 -3.87 7.71 -11.43
CA LEU C 238 -3.46 8.16 -10.09
C LEU C 238 -3.84 9.63 -9.85
N GLN C 239 -3.78 10.42 -10.91
CA GLN C 239 -4.11 11.85 -10.84
C GLN C 239 -5.59 12.05 -10.55
N ASN C 240 -6.45 11.17 -11.04
CA ASN C 240 -7.89 11.36 -10.89
C ASN C 240 -8.56 10.52 -9.82
N LEU C 241 -7.80 9.64 -9.19
CA LEU C 241 -8.36 8.60 -8.33
C LEU C 241 -9.21 9.13 -7.17
N THR C 242 -8.74 10.20 -6.53
CA THR C 242 -9.41 10.73 -5.34
C THR C 242 -10.75 11.36 -5.71
N VAL C 243 -10.72 12.31 -6.63
CA VAL C 243 -11.94 13.03 -7.03
C VAL C 243 -12.99 12.07 -7.61
N VAL C 244 -12.56 11.15 -8.47
CA VAL C 244 -13.44 10.18 -9.11
C VAL C 244 -13.98 9.15 -8.11
N THR C 245 -13.20 8.83 -7.09
CA THR C 245 -13.69 7.99 -5.99
C THR C 245 -14.89 8.64 -5.26
N ALA C 246 -14.82 9.94 -4.98
CA ALA C 246 -15.95 10.66 -4.38
C ALA C 246 -17.19 10.54 -5.26
N ALA C 247 -17.04 10.76 -6.56
CA ALA C 247 -18.14 10.54 -7.49
C ALA C 247 -18.71 9.11 -7.38
N LEU C 248 -17.82 8.12 -7.29
CA LEU C 248 -18.26 6.73 -7.14
C LEU C 248 -19.07 6.51 -5.86
N GLU C 249 -18.65 7.10 -4.75
CA GLU C 249 -19.40 7.05 -3.50
C GLU C 249 -20.76 7.71 -3.63
N GLY C 250 -20.81 8.84 -4.33
CA GLY C 250 -22.05 9.56 -4.55
C GLY C 250 -23.10 8.69 -5.23
N THR C 251 -22.71 8.05 -6.32
CA THR C 251 -23.60 7.13 -7.04
C THR C 251 -23.97 5.86 -6.24
N ALA C 252 -22.98 5.25 -5.58
CA ALA C 252 -23.24 4.04 -4.80
C ALA C 252 -24.24 4.33 -3.73
N THR C 253 -24.05 5.44 -3.02
CA THR C 253 -24.99 5.91 -2.01
C THR C 253 -26.40 5.92 -2.57
N LYS C 254 -26.60 6.59 -3.70
CA LYS C 254 -27.92 6.69 -4.32
C LYS C 254 -28.45 5.33 -4.77
N VAL C 255 -27.55 4.44 -5.16
CA VAL C 255 -27.94 3.07 -5.49
C VAL C 255 -28.52 2.32 -4.28
N ILE C 256 -27.82 2.37 -3.15
CA ILE C 256 -28.31 1.74 -1.91
C ILE C 256 -29.62 2.36 -1.42
N ASN C 257 -29.77 3.67 -1.62
CA ASN C 257 -30.99 4.34 -1.20
C ASN C 257 -32.15 3.91 -2.06
N PHE C 258 -31.87 3.70 -3.34
CA PHE C 258 -32.88 3.21 -4.29
C PHE C 258 -33.29 1.78 -3.98
N ILE C 259 -32.30 0.88 -3.86
CA ILE C 259 -32.52 -0.53 -3.53
C ILE C 259 -33.39 -0.72 -2.29
N ASN C 260 -33.16 0.11 -1.28
CA ASN C 260 -33.88 -0.01 -0.01
C ASN C 260 -35.39 -0.14 -0.20
N GLY C 261 -35.94 -1.25 0.27
CA GLY C 261 -37.39 -1.49 0.26
C GLY C 261 -37.94 -2.15 -0.99
N ARG C 262 -37.08 -2.39 -1.97
CA ARG C 262 -37.51 -3.02 -3.22
C ARG C 262 -37.15 -4.50 -3.34
N ASN C 263 -38.02 -5.29 -3.96
CA ASN C 263 -37.63 -6.65 -4.29
CA ASN C 263 -37.73 -6.67 -4.34
C ASN C 263 -36.79 -6.65 -5.56
N LEU C 264 -36.10 -7.76 -5.84
CA LEU C 264 -35.25 -7.83 -7.03
C LEU C 264 -36.01 -7.42 -8.29
N SER C 265 -37.27 -7.84 -8.35
CA SER C 265 -38.14 -7.63 -9.50
C SER C 265 -38.42 -6.13 -9.79
N ASP C 266 -38.37 -5.31 -8.74
CA ASP C 266 -38.56 -3.87 -8.83
C ASP C 266 -37.24 -3.16 -9.05
N LEU C 267 -36.16 -3.95 -9.00
CA LEU C 267 -34.75 -3.53 -9.21
C LEU C 267 -33.74 -3.73 -8.06
N LEU D 23 8.87 -32.55 11.86
CA LEU D 23 7.38 -32.58 11.77
C LEU D 23 6.78 -33.99 11.86
N ARG D 24 5.45 -34.03 11.89
CA ARG D 24 4.68 -35.26 11.73
C ARG D 24 4.54 -35.55 10.21
N PRO D 25 4.40 -36.85 9.84
CA PRO D 25 4.33 -37.23 8.41
C PRO D 25 3.13 -36.61 7.66
N ILE D 26 3.33 -36.30 6.37
CA ILE D 26 2.25 -35.86 5.47
C ILE D 26 1.13 -36.88 5.45
N SER D 27 -0.10 -36.44 5.75
CA SER D 27 -1.25 -37.33 5.79
C SER D 27 -2.37 -36.98 4.81
N SER D 28 -2.28 -35.80 4.18
CA SER D 28 -3.33 -35.35 3.27
C SER D 28 -2.82 -34.52 2.08
N VAL D 29 -3.14 -34.98 0.87
CA VAL D 29 -2.74 -34.31 -0.37
CA VAL D 29 -2.74 -34.29 -0.35
C VAL D 29 -3.94 -33.92 -1.23
N VAL D 30 -3.93 -32.69 -1.77
CA VAL D 30 -4.93 -32.26 -2.73
C VAL D 30 -4.29 -31.99 -4.10
N PHE D 31 -4.80 -32.66 -5.14
CA PHE D 31 -4.44 -32.33 -6.53
C PHE D 31 -5.42 -31.33 -7.10
N VAL D 32 -4.87 -30.30 -7.71
CA VAL D 32 -5.66 -29.35 -8.49
C VAL D 32 -5.35 -29.62 -9.97
N ILE D 33 -6.36 -30.09 -10.69
CA ILE D 33 -6.24 -30.43 -12.12
C ILE D 33 -7.37 -29.77 -12.92
N ALA D 34 -7.00 -29.06 -13.99
CA ALA D 34 -7.96 -28.28 -14.77
C ALA D 34 -8.92 -29.14 -15.60
N MET D 35 -8.39 -30.14 -16.29
CA MET D 35 -9.15 -30.88 -17.27
C MET D 35 -9.56 -32.22 -16.71
N GLN D 36 -10.82 -32.61 -16.95
CA GLN D 36 -11.35 -33.82 -16.34
C GLN D 36 -10.65 -35.08 -16.83
N ALA D 37 -10.32 -35.13 -18.12
CA ALA D 37 -9.60 -36.27 -18.67
C ALA D 37 -8.18 -36.37 -18.13
N GLU D 38 -7.63 -35.27 -17.68
CA GLU D 38 -6.33 -35.31 -17.01
C GLU D 38 -6.41 -35.91 -15.61
N ALA D 39 -7.57 -35.77 -14.97
CA ALA D 39 -7.78 -36.31 -13.62
C ALA D 39 -8.14 -37.79 -13.61
N LEU D 40 -8.94 -38.21 -14.58
CA LEU D 40 -9.54 -39.55 -14.61
C LEU D 40 -8.53 -40.71 -14.47
N PRO D 41 -7.42 -40.72 -15.26
CA PRO D 41 -6.39 -41.75 -15.09
C PRO D 41 -5.93 -41.86 -13.65
N LEU D 42 -5.77 -40.72 -13.00
CA LEU D 42 -5.22 -40.71 -11.65
C LEU D 42 -6.26 -41.22 -10.64
N VAL D 43 -7.51 -40.83 -10.87
CA VAL D 43 -8.65 -41.29 -10.08
C VAL D 43 -8.76 -42.82 -10.14
N ASN D 44 -8.75 -43.37 -11.34
CA ASN D 44 -8.85 -44.82 -11.53
C ASN D 44 -7.67 -45.57 -10.90
N LYS D 45 -6.47 -45.05 -11.11
CA LYS D 45 -5.23 -45.65 -10.59
C LYS D 45 -5.29 -45.80 -9.07
N PHE D 46 -5.83 -44.80 -8.38
CA PHE D 46 -5.87 -44.82 -6.94
C PHE D 46 -7.24 -45.16 -6.37
N GLY D 47 -8.12 -45.63 -7.24
CA GLY D 47 -9.49 -46.01 -6.84
C GLY D 47 -10.27 -44.96 -6.08
N LEU D 48 -10.05 -43.70 -6.42
CA LEU D 48 -10.75 -42.58 -5.78
C LEU D 48 -12.22 -42.55 -6.21
N SER D 49 -13.08 -42.00 -5.35
CA SER D 49 -14.52 -41.89 -5.63
C SER D 49 -14.98 -40.45 -5.84
N GLU D 50 -15.98 -40.28 -6.71
CA GLU D 50 -16.57 -38.98 -6.93
C GLU D 50 -17.43 -38.60 -5.72
N THR D 51 -17.12 -37.44 -5.16
CA THR D 51 -17.87 -36.89 -4.02
C THR D 51 -19.28 -36.51 -4.45
N THR D 52 -20.25 -36.86 -3.61
CA THR D 52 -21.67 -36.62 -3.91
C THR D 52 -22.33 -35.52 -3.07
N ASP D 53 -21.71 -35.12 -1.95
CA ASP D 53 -22.34 -34.16 -1.03
C ASP D 53 -21.97 -32.68 -1.20
N SER D 54 -21.41 -32.32 -2.35
CA SER D 54 -21.05 -30.92 -2.68
C SER D 54 -20.39 -30.15 -1.51
N PRO D 55 -19.28 -30.66 -0.97
CA PRO D 55 -18.68 -30.00 0.19
C PRO D 55 -18.08 -28.61 -0.12
N LEU D 56 -17.76 -28.32 -1.37
CA LEU D 56 -17.17 -27.02 -1.72
C LEU D 56 -18.20 -25.94 -2.10
N GLY D 57 -19.47 -26.33 -2.21
CA GLY D 57 -20.52 -25.37 -2.47
C GLY D 57 -21.62 -25.91 -3.36
N LYS D 58 -22.76 -25.23 -3.34
CA LYS D 58 -23.99 -25.66 -3.98
C LYS D 58 -24.08 -25.36 -5.47
N GLY D 59 -24.53 -26.35 -6.26
CA GLY D 59 -24.79 -26.15 -7.69
C GLY D 59 -23.57 -25.79 -8.53
N LEU D 60 -22.37 -26.14 -8.04
CA LEU D 60 -21.16 -25.80 -8.78
C LEU D 60 -20.84 -26.88 -9.81
N PRO D 61 -20.14 -26.52 -10.91
CA PRO D 61 -19.84 -27.59 -11.84
C PRO D 61 -18.62 -28.39 -11.39
N TRP D 62 -18.02 -28.01 -10.25
CA TRP D 62 -16.80 -28.64 -9.75
C TRP D 62 -16.97 -30.12 -9.44
N VAL D 63 -15.90 -30.88 -9.65
CA VAL D 63 -15.85 -32.31 -9.40
C VAL D 63 -14.74 -32.59 -8.39
N LEU D 64 -15.08 -33.35 -7.37
CA LEU D 64 -14.11 -33.75 -6.36
C LEU D 64 -14.11 -35.27 -6.25
N TYR D 65 -12.90 -35.85 -6.29
CA TYR D 65 -12.70 -37.27 -6.12
C TYR D 65 -11.89 -37.50 -4.85
N HIS D 66 -12.32 -38.46 -4.03
CA HIS D 66 -11.72 -38.66 -2.72
C HIS D 66 -11.29 -40.11 -2.48
N GLY D 67 -10.29 -40.29 -1.62
CA GLY D 67 -9.80 -41.62 -1.30
C GLY D 67 -8.78 -41.66 -0.20
N VAL D 68 -8.56 -42.86 0.35
CA VAL D 68 -7.49 -43.08 1.33
C VAL D 68 -6.62 -44.23 0.83
N HIS D 69 -5.35 -43.93 0.62
CA HIS D 69 -4.40 -44.89 0.08
C HIS D 69 -3.16 -44.96 0.97
N LYS D 70 -2.93 -46.14 1.54
CA LYS D 70 -1.88 -46.37 2.53
C LYS D 70 -1.94 -45.28 3.59
N ASP D 71 -0.93 -44.43 3.66
CA ASP D 71 -0.92 -43.38 4.69
C ASP D 71 -1.54 -42.04 4.25
N LEU D 72 -1.87 -41.89 2.97
CA LEU D 72 -2.33 -40.58 2.47
C LEU D 72 -3.81 -40.51 2.16
N ARG D 73 -4.51 -39.56 2.77
CA ARG D 73 -5.81 -39.15 2.26
C ARG D 73 -5.53 -38.42 0.96
N ILE D 74 -6.24 -38.79 -0.11
CA ILE D 74 -6.02 -38.18 -1.43
C ILE D 74 -7.30 -37.55 -2.00
N ASN D 75 -7.21 -36.27 -2.37
CA ASN D 75 -8.31 -35.60 -3.06
C ASN D 75 -7.86 -34.94 -4.34
N VAL D 76 -8.66 -35.10 -5.38
CA VAL D 76 -8.44 -34.46 -6.65
C VAL D 76 -9.63 -33.54 -6.94
N VAL D 77 -9.38 -32.28 -7.23
CA VAL D 77 -10.47 -31.34 -7.51
C VAL D 77 -10.32 -30.80 -8.92
N CYS D 78 -11.44 -30.64 -9.61
CA CYS D 78 -11.46 -30.11 -10.97
C CYS D 78 -12.48 -29.00 -11.00
N PRO D 79 -12.26 -27.96 -11.85
CA PRO D 79 -13.18 -26.82 -11.93
C PRO D 79 -14.46 -27.17 -12.69
N GLY D 80 -14.47 -28.36 -13.27
CA GLY D 80 -15.66 -28.89 -13.90
C GLY D 80 -15.89 -28.35 -15.29
N ARG D 81 -16.75 -29.03 -16.01
CA ARG D 81 -17.13 -28.67 -17.34
C ARG D 81 -18.04 -27.44 -17.30
N ASP D 82 -17.80 -26.48 -18.17
CA ASP D 82 -18.56 -25.22 -18.19
C ASP D 82 -20.04 -25.49 -18.45
N ALA D 83 -20.91 -24.81 -17.68
CA ALA D 83 -22.37 -25.00 -17.77
C ALA D 83 -22.87 -24.62 -19.15
N ALA D 84 -22.40 -23.48 -19.65
CA ALA D 84 -22.79 -22.98 -20.96
C ALA D 84 -22.13 -23.75 -22.11
N LEU D 85 -20.84 -23.98 -22.01
CA LEU D 85 -20.05 -24.37 -23.17
C LEU D 85 -19.53 -25.81 -23.22
N GLY D 86 -19.70 -26.56 -22.13
CA GLY D 86 -19.32 -27.98 -22.07
C GLY D 86 -17.83 -28.29 -21.87
N ILE D 87 -16.95 -27.41 -22.34
CA ILE D 87 -15.51 -27.69 -22.18
C ILE D 87 -15.02 -27.48 -20.73
N ASP D 88 -13.81 -27.95 -20.42
CA ASP D 88 -13.26 -27.81 -19.08
C ASP D 88 -13.07 -26.32 -18.71
N SER D 89 -13.25 -26.00 -17.44
CA SER D 89 -13.25 -24.61 -16.98
C SER D 89 -11.84 -24.17 -16.62
N VAL D 90 -11.01 -24.01 -17.65
CA VAL D 90 -9.61 -23.70 -17.50
C VAL D 90 -9.37 -22.23 -17.11
N GLY D 91 -8.13 -21.91 -16.79
CA GLY D 91 -7.79 -20.54 -16.41
C GLY D 91 -7.59 -20.27 -14.90
N THR D 92 -7.09 -19.08 -14.62
CA THR D 92 -6.67 -18.73 -13.27
C THR D 92 -7.82 -18.57 -12.30
N VAL D 93 -8.94 -17.99 -12.73
CA VAL D 93 -10.04 -17.80 -11.79
C VAL D 93 -10.62 -19.13 -11.22
N PRO D 94 -11.07 -20.06 -12.08
CA PRO D 94 -11.61 -21.31 -11.53
C PRO D 94 -10.59 -22.08 -10.73
N ALA D 95 -9.33 -22.08 -11.20
CA ALA D 95 -8.29 -22.81 -10.51
C ALA D 95 -8.03 -22.21 -9.13
N SER D 96 -8.11 -20.88 -9.03
CA SER D 96 -7.90 -20.19 -7.75
CA SER D 96 -7.90 -20.21 -7.75
C SER D 96 -9.03 -20.53 -6.78
N LEU D 97 -10.24 -20.66 -7.33
CA LEU D 97 -11.43 -20.89 -6.52
C LEU D 97 -11.42 -22.29 -5.89
N ILE D 98 -11.17 -23.32 -6.71
CA ILE D 98 -11.07 -24.69 -6.22
C ILE D 98 -9.88 -24.92 -5.30
N THR D 99 -8.73 -24.30 -5.59
CA THR D 99 -7.64 -24.27 -4.62
C THR D 99 -8.11 -23.75 -3.26
N PHE D 100 -8.68 -22.55 -3.24
CA PHE D 100 -9.14 -21.91 -1.97
C PHE D 100 -10.14 -22.79 -1.23
N ALA D 101 -11.13 -23.30 -1.95
CA ALA D 101 -12.23 -24.03 -1.33
C ALA D 101 -11.81 -25.43 -0.86
N SER D 102 -11.00 -26.13 -1.66
CA SER D 102 -10.50 -27.45 -1.26
C SER D 102 -9.59 -27.34 -0.04
N ILE D 103 -8.73 -26.32 -0.01
CA ILE D 103 -7.89 -26.04 1.16
C ILE D 103 -8.73 -25.75 2.42
N GLN D 104 -9.71 -24.85 2.32
N GLN D 104 -9.71 -24.86 2.29
CA GLN D 104 -10.51 -24.47 3.49
CA GLN D 104 -10.57 -24.43 3.41
C GLN D 104 -11.33 -25.65 4.03
C GLN D 104 -11.37 -25.60 4.00
N ALA D 105 -11.87 -26.47 3.13
CA ALA D 105 -12.69 -27.62 3.54
C ALA D 105 -11.87 -28.79 4.11
N LEU D 106 -10.76 -29.11 3.45
CA LEU D 106 -10.05 -30.37 3.66
C LEU D 106 -8.76 -30.23 4.45
N LYS D 107 -8.25 -29.01 4.56
CA LYS D 107 -6.98 -28.72 5.28
C LYS D 107 -5.80 -29.65 4.92
N PRO D 108 -5.51 -29.81 3.61
CA PRO D 108 -4.41 -30.74 3.24
C PRO D 108 -3.04 -30.23 3.69
N ASP D 109 -2.07 -31.14 3.73
CA ASP D 109 -0.69 -30.81 4.09
C ASP D 109 0.07 -30.11 2.96
N ILE D 110 -0.34 -30.40 1.73
CA ILE D 110 0.39 -29.98 0.56
C ILE D 110 -0.59 -30.04 -0.59
N ILE D 111 -0.43 -29.13 -1.55
CA ILE D 111 -1.23 -29.19 -2.74
CA ILE D 111 -1.23 -29.09 -2.78
C ILE D 111 -0.33 -29.42 -3.97
N ILE D 112 -0.79 -30.28 -4.86
CA ILE D 112 -0.09 -30.52 -6.12
C ILE D 112 -0.95 -30.04 -7.29
N ASN D 113 -0.44 -29.07 -8.03
CA ASN D 113 -1.15 -28.63 -9.21
C ASN D 113 -0.54 -29.30 -10.41
N ALA D 114 -1.29 -30.26 -10.94
CA ALA D 114 -0.87 -31.12 -12.05
C ALA D 114 -1.62 -30.75 -13.32
N GLY D 115 -0.90 -30.61 -14.42
CA GLY D 115 -1.51 -30.23 -15.68
C GLY D 115 -0.57 -30.22 -16.87
N THR D 116 -1.07 -29.67 -17.97
CA THR D 116 -0.36 -29.60 -19.21
C THR D 116 0.18 -28.18 -19.39
N CYS D 117 1.18 -28.01 -20.25
CA CYS D 117 1.79 -26.69 -20.42
C CYS D 117 2.48 -26.62 -21.75
N GLY D 118 2.85 -25.41 -22.15
CA GLY D 118 3.81 -25.23 -23.23
C GLY D 118 5.22 -25.31 -22.70
N GLY D 119 6.14 -25.79 -23.54
CA GLY D 119 7.56 -25.78 -23.23
C GLY D 119 8.39 -25.05 -24.27
N PHE D 120 9.54 -24.51 -23.86
CA PHE D 120 10.52 -23.99 -24.81
C PHE D 120 11.60 -25.02 -25.07
N LYS D 121 11.81 -25.34 -26.35
CA LYS D 121 12.89 -26.24 -26.75
C LYS D 121 14.25 -25.68 -26.33
N VAL D 122 14.47 -24.39 -26.58
CA VAL D 122 15.76 -23.77 -26.21
C VAL D 122 16.10 -23.93 -24.73
N LYS D 123 15.06 -24.06 -23.89
CA LYS D 123 15.18 -24.25 -22.45
C LYS D 123 15.24 -25.74 -22.02
N GLY D 124 15.34 -26.63 -23.01
CA GLY D 124 15.54 -28.05 -22.76
C GLY D 124 14.28 -28.88 -22.63
N ALA D 125 13.12 -28.31 -22.96
CA ALA D 125 11.84 -28.99 -22.84
C ALA D 125 11.48 -29.77 -24.10
N ASN D 126 10.98 -30.99 -23.92
CA ASN D 126 10.49 -31.80 -25.04
C ASN D 126 9.06 -32.22 -24.76
N ILE D 127 8.32 -32.49 -25.85
CA ILE D 127 7.00 -33.06 -25.77
C ILE D 127 7.07 -34.34 -24.93
N GLY D 128 6.16 -34.45 -23.97
CA GLY D 128 6.08 -35.63 -23.13
C GLY D 128 6.79 -35.52 -21.80
N ASP D 129 7.66 -34.52 -21.65
CA ASP D 129 8.34 -34.26 -20.38
C ASP D 129 7.33 -33.81 -19.33
N VAL D 130 7.44 -34.37 -18.13
CA VAL D 130 6.67 -33.88 -17.01
C VAL D 130 7.69 -33.18 -16.12
N PHE D 131 7.53 -31.86 -15.99
CA PHE D 131 8.45 -31.03 -15.23
C PHE D 131 8.01 -30.89 -13.77
N LEU D 132 8.99 -30.74 -12.88
CA LEU D 132 8.77 -30.12 -11.57
C LEU D 132 8.93 -28.62 -11.81
N VAL D 133 8.49 -27.79 -10.87
CA VAL D 133 8.60 -26.33 -11.01
C VAL D 133 9.38 -25.71 -9.85
N SER D 134 10.37 -24.86 -10.17
CA SER D 134 11.16 -24.17 -9.16
C SER D 134 10.40 -22.96 -8.60
N ASP D 135 9.97 -22.08 -9.52
CA ASP D 135 9.15 -20.95 -9.14
C ASP D 135 8.20 -20.52 -10.28
N VAL D 136 7.28 -19.64 -9.95
CA VAL D 136 6.17 -19.35 -10.84
C VAL D 136 5.98 -17.84 -10.95
N VAL D 137 5.57 -17.36 -12.14
CA VAL D 137 5.24 -15.95 -12.41
C VAL D 137 3.97 -15.79 -13.28
N PHE D 138 3.35 -14.61 -13.27
CA PHE D 138 2.31 -14.27 -14.28
C PHE D 138 3.00 -13.48 -15.39
N HIS D 139 2.65 -13.73 -16.65
CA HIS D 139 3.08 -12.84 -17.75
C HIS D 139 1.99 -11.88 -18.24
N ASP D 140 0.77 -12.00 -17.71
CA ASP D 140 -0.36 -11.16 -18.21
C ASP D 140 -1.04 -10.34 -17.13
N ARG D 141 -0.29 -10.00 -16.10
CA ARG D 141 -0.78 -9.06 -15.11
C ARG D 141 0.16 -7.85 -15.12
N ARG D 142 0.03 -7.03 -16.16
CA ARG D 142 0.97 -5.90 -16.37
C ARG D 142 0.45 -4.65 -15.71
N ILE D 143 1.07 -4.27 -14.61
CA ILE D 143 0.70 -3.02 -13.95
C ILE D 143 1.95 -2.16 -13.85
N PRO D 144 2.09 -1.20 -14.79
CA PRO D 144 3.33 -0.41 -14.91
C PRO D 144 3.41 0.75 -13.90
N ILE D 145 3.23 0.39 -12.63
CA ILE D 145 3.39 1.28 -11.48
C ILE D 145 4.26 0.51 -10.50
N PRO D 146 5.26 1.19 -9.89
CA PRO D 146 6.07 0.57 -8.85
C PRO D 146 5.24 -0.17 -7.83
N MET D 147 5.80 -1.26 -7.31
CA MET D 147 5.14 -2.14 -6.32
C MET D 147 4.02 -2.96 -6.96
N PHE D 148 3.10 -2.30 -7.66
CA PHE D 148 2.10 -3.02 -8.44
C PHE D 148 2.74 -3.96 -9.47
N ASP D 149 3.79 -3.48 -10.14
CA ASP D 149 4.44 -4.32 -11.14
C ASP D 149 4.84 -5.64 -10.56
N LEU D 150 5.56 -5.60 -9.43
CA LEU D 150 6.00 -6.82 -8.75
C LEU D 150 4.84 -7.70 -8.32
N TYR D 151 3.78 -7.08 -7.79
CA TYR D 151 2.55 -7.78 -7.40
C TYR D 151 1.88 -8.50 -8.59
N GLY D 152 1.76 -7.79 -9.71
CA GLY D 152 1.22 -8.39 -10.93
C GLY D 152 2.02 -9.60 -11.32
N VAL D 153 3.34 -9.43 -11.43
CA VAL D 153 4.23 -10.55 -11.74
C VAL D 153 4.08 -11.73 -10.77
N GLY D 154 3.88 -11.44 -9.49
CA GLY D 154 3.59 -12.44 -8.45
C GLY D 154 4.56 -13.60 -8.32
N LEU D 155 5.86 -13.30 -8.36
CA LEU D 155 6.89 -14.33 -8.30
C LEU D 155 6.80 -15.10 -7.00
N ARG D 156 6.60 -16.41 -7.10
CA ARG D 156 6.45 -17.27 -5.92
C ARG D 156 7.24 -18.55 -6.10
N GLN D 157 7.79 -19.06 -4.99
N GLN D 157 7.79 -19.06 -5.00
CA GLN D 157 8.60 -20.26 -5.02
CA GLN D 157 8.63 -20.25 -5.06
C GLN D 157 7.73 -21.48 -4.74
C GLN D 157 7.84 -21.50 -4.69
N ALA D 158 7.94 -22.53 -5.52
CA ALA D 158 7.30 -23.81 -5.22
C ALA D 158 7.94 -24.42 -3.98
N PHE D 159 7.21 -25.30 -3.31
CA PHE D 159 7.77 -25.91 -2.14
C PHE D 159 8.98 -26.75 -2.54
N SER D 160 10.01 -26.71 -1.70
CA SER D 160 11.27 -27.38 -1.98
C SER D 160 11.17 -28.90 -1.83
N THR D 161 11.34 -29.59 -2.95
CA THR D 161 11.39 -31.05 -2.94
C THR D 161 12.68 -31.58 -3.61
N PRO D 162 13.86 -31.33 -3.00
CA PRO D 162 15.11 -31.84 -3.59
C PRO D 162 15.21 -33.37 -3.75
N ASN D 163 14.71 -34.15 -2.78
CA ASN D 163 14.75 -35.63 -2.85
C ASN D 163 13.85 -36.27 -3.90
N LEU D 164 12.64 -35.74 -4.04
CA LEU D 164 11.68 -36.16 -5.08
C LEU D 164 12.30 -35.93 -6.45
N LEU D 165 12.83 -34.72 -6.63
CA LEU D 165 13.48 -34.33 -7.88
C LEU D 165 14.63 -35.31 -8.22
N LYS D 166 15.56 -35.49 -7.30
CA LYS D 166 16.61 -36.50 -7.45
C LYS D 166 16.05 -37.91 -7.72
N GLU D 167 15.23 -38.43 -6.80
CA GLU D 167 14.76 -39.81 -6.88
C GLU D 167 13.99 -40.12 -8.18
N LEU D 168 13.02 -39.27 -8.53
CA LEU D 168 12.25 -39.45 -9.77
C LEU D 168 12.95 -38.95 -11.02
N ASN D 169 14.10 -38.30 -10.84
CA ASN D 169 14.90 -37.77 -11.93
C ASN D 169 14.07 -36.90 -12.89
N LEU D 170 13.43 -35.88 -12.34
CA LEU D 170 12.60 -35.00 -13.13
C LEU D 170 13.28 -33.70 -13.53
N LYS D 171 12.99 -33.24 -14.75
CA LYS D 171 13.37 -31.90 -15.20
C LYS D 171 12.69 -30.85 -14.34
N ILE D 172 13.29 -29.67 -14.30
CA ILE D 172 12.76 -28.57 -13.49
C ILE D 172 13.00 -27.22 -14.20
N GLY D 173 12.01 -26.34 -14.13
CA GLY D 173 12.18 -24.99 -14.66
C GLY D 173 11.16 -24.01 -14.10
N ARG D 174 11.35 -22.74 -14.39
CA ARG D 174 10.35 -21.73 -14.01
C ARG D 174 9.11 -21.84 -14.87
N LEU D 175 7.96 -21.57 -14.28
CA LEU D 175 6.68 -21.61 -14.96
C LEU D 175 6.09 -20.20 -15.09
N SER D 176 5.57 -19.88 -16.27
CA SER D 176 4.93 -18.58 -16.50
C SER D 176 3.45 -18.72 -16.86
N THR D 177 2.60 -18.00 -16.13
CA THR D 177 1.14 -18.18 -16.16
C THR D 177 0.42 -17.00 -16.80
N GLY D 178 -0.58 -17.30 -17.64
CA GLY D 178 -1.54 -16.30 -18.10
C GLY D 178 -2.81 -17.01 -18.56
N ASP D 179 -3.89 -16.25 -18.73
CA ASP D 179 -5.20 -16.80 -19.18
C ASP D 179 -5.35 -17.09 -20.70
N SER D 180 -4.28 -16.91 -21.48
CA SER D 180 -4.36 -17.19 -22.91
C SER D 180 -3.57 -18.44 -23.32
N LEU D 181 -4.17 -19.27 -24.16
CA LEU D 181 -3.48 -20.45 -24.67
C LEU D 181 -2.45 -20.07 -25.74
N ASP D 182 -2.75 -19.04 -26.54
CA ASP D 182 -1.76 -18.51 -27.49
C ASP D 182 -0.81 -17.55 -26.76
N MET D 183 0.01 -16.84 -27.52
CA MET D 183 1.05 -16.01 -26.94
C MET D 183 1.18 -14.74 -27.77
N SER D 184 0.97 -13.59 -27.15
CA SER D 184 1.04 -12.32 -27.90
C SER D 184 2.46 -11.81 -27.86
N THR D 185 2.73 -10.80 -28.70
CA THR D 185 4.07 -10.23 -28.78
C THR D 185 4.51 -9.79 -27.39
N GLN D 186 3.67 -8.99 -26.74
CA GLN D 186 3.89 -8.57 -25.35
C GLN D 186 4.07 -9.74 -24.37
N ASP D 187 3.26 -10.79 -24.51
CA ASP D 187 3.35 -11.95 -23.61
C ASP D 187 4.75 -12.55 -23.72
N GLU D 188 5.15 -12.80 -24.97
CA GLU D 188 6.43 -13.44 -25.32
C GLU D 188 7.63 -12.68 -24.77
N THR D 189 7.64 -11.36 -24.95
CA THR D 189 8.69 -10.49 -24.43
C THR D 189 8.88 -10.67 -22.93
N LEU D 190 7.77 -10.70 -22.17
CA LEU D 190 7.80 -10.88 -20.72
C LEU D 190 8.18 -12.30 -20.32
N ILE D 191 7.72 -13.29 -21.09
CA ILE D 191 8.07 -14.68 -20.80
C ILE D 191 9.58 -14.92 -21.03
N ILE D 192 10.12 -14.30 -22.08
CA ILE D 192 11.57 -14.39 -22.36
C ILE D 192 12.34 -13.67 -21.25
N ALA D 193 11.92 -12.44 -20.94
CA ALA D 193 12.57 -11.68 -19.89
C ALA D 193 12.57 -12.44 -18.55
N ASN D 194 11.48 -13.18 -18.26
CA ASN D 194 11.37 -13.93 -17.00
CA ASN D 194 11.41 -13.90 -16.99
C ASN D 194 12.08 -15.28 -17.03
N ASP D 195 12.58 -15.67 -18.21
CA ASP D 195 13.40 -16.89 -18.37
C ASP D 195 12.65 -18.19 -18.01
N ALA D 196 11.35 -18.24 -18.30
CA ALA D 196 10.58 -19.47 -18.06
C ALA D 196 10.92 -20.54 -19.09
N THR D 197 10.90 -21.78 -18.63
CA THR D 197 10.94 -22.99 -19.46
C THR D 197 9.51 -23.41 -19.84
N LEU D 198 8.55 -23.06 -18.98
CA LEU D 198 7.14 -23.50 -19.12
C LEU D 198 6.09 -22.38 -19.08
N LYS D 199 5.02 -22.56 -19.87
CA LYS D 199 3.92 -21.61 -19.98
C LYS D 199 2.61 -22.35 -19.73
N ASP D 200 1.85 -21.92 -18.74
CA ASP D 200 0.57 -22.56 -18.49
C ASP D 200 -0.57 -21.54 -18.29
N MET D 201 -1.70 -22.01 -17.78
CA MET D 201 -2.86 -21.14 -17.61
C MET D 201 -3.40 -21.05 -16.19
N GLU D 202 -2.67 -21.59 -15.21
CA GLU D 202 -3.21 -21.63 -13.83
C GLU D 202 -2.20 -21.52 -12.68
N GLY D 203 -0.98 -22.02 -12.88
CA GLY D 203 -0.02 -22.24 -11.80
C GLY D 203 0.15 -21.08 -10.83
N ALA D 204 0.45 -19.89 -11.34
CA ALA D 204 0.74 -18.75 -10.47
C ALA D 204 -0.46 -18.37 -9.63
N ALA D 205 -1.66 -18.62 -10.14
CA ALA D 205 -2.87 -18.36 -9.38
C ALA D 205 -3.04 -19.37 -8.25
N VAL D 206 -2.77 -20.63 -8.56
CA VAL D 206 -2.72 -21.67 -7.53
C VAL D 206 -1.69 -21.30 -6.45
N ALA D 207 -0.53 -20.78 -6.85
CA ALA D 207 0.53 -20.43 -5.89
C ALA D 207 0.15 -19.26 -5.00
N TYR D 208 -0.62 -18.33 -5.55
CA TYR D 208 -1.05 -17.15 -4.81
C TYR D 208 -2.00 -17.59 -3.72
N VAL D 209 -2.91 -18.47 -4.08
CA VAL D 209 -3.87 -18.97 -3.11
C VAL D 209 -3.18 -19.79 -2.03
N ALA D 210 -2.32 -20.73 -2.46
CA ALA D 210 -1.54 -21.57 -1.54
C ALA D 210 -0.70 -20.74 -0.55
N ASP D 211 -0.06 -19.70 -1.06
CA ASP D 211 0.71 -18.72 -0.24
C ASP D 211 -0.23 -18.01 0.71
N LEU D 212 -1.42 -17.66 0.22
CA LEU D 212 -2.39 -16.94 1.03
C LEU D 212 -2.81 -17.77 2.23
N LEU D 213 -3.00 -19.08 2.02
CA LEU D 213 -3.42 -19.99 3.08
C LEU D 213 -2.29 -20.81 3.68
N LYS D 214 -1.04 -20.42 3.41
CA LYS D 214 0.15 -21.08 3.98
C LYS D 214 0.18 -22.61 3.79
N ILE D 215 -0.12 -23.04 2.56
CA ILE D 215 -0.05 -24.48 2.18
C ILE D 215 1.08 -24.67 1.19
N PRO D 216 1.96 -25.66 1.44
CA PRO D 216 3.02 -26.02 0.50
C PRO D 216 2.45 -26.38 -0.85
N VAL D 217 3.05 -25.84 -1.91
CA VAL D 217 2.56 -26.16 -3.24
C VAL D 217 3.63 -26.72 -4.16
N VAL D 218 3.29 -27.79 -4.86
CA VAL D 218 4.16 -28.47 -5.81
C VAL D 218 3.46 -28.49 -7.19
N PHE D 219 4.23 -28.42 -8.27
CA PHE D 219 3.66 -28.43 -9.62
C PHE D 219 4.24 -29.57 -10.48
N LEU D 220 3.37 -30.19 -11.26
CA LEU D 220 3.73 -31.21 -12.24
C LEU D 220 3.13 -30.74 -13.54
N LYS D 221 3.98 -30.32 -14.46
CA LYS D 221 3.57 -29.67 -15.68
C LYS D 221 4.09 -30.45 -16.89
N ALA D 222 3.16 -30.91 -17.72
CA ALA D 222 3.47 -31.85 -18.78
C ALA D 222 3.39 -31.20 -20.16
N VAL D 223 4.51 -31.17 -20.89
CA VAL D 223 4.62 -30.42 -22.12
C VAL D 223 3.87 -31.03 -23.32
N THR D 224 2.85 -30.31 -23.78
CA THR D 224 2.06 -30.76 -24.92
C THR D 224 2.49 -30.07 -26.19
N ASP D 225 3.24 -28.98 -26.09
CA ASP D 225 3.64 -28.20 -27.26
C ASP D 225 4.91 -27.37 -27.06
N LEU D 226 5.56 -27.05 -28.17
CA LEU D 226 6.78 -26.24 -28.12
C LEU D 226 6.46 -24.84 -28.58
N VAL D 227 6.56 -23.93 -27.62
CA VAL D 227 6.19 -22.52 -27.82
C VAL D 227 7.14 -21.81 -28.80
N ASP D 228 8.39 -22.27 -28.88
CA ASP D 228 9.36 -21.74 -29.84
C ASP D 228 9.52 -22.62 -31.09
N GLY D 229 8.47 -23.35 -31.44
CA GLY D 229 8.57 -24.41 -32.43
C GLY D 229 7.76 -24.08 -33.67
N ASP D 230 7.65 -25.06 -34.57
CA ASP D 230 7.09 -24.80 -35.92
C ASP D 230 5.63 -25.22 -36.11
N LYS D 231 4.93 -25.50 -35.00
CA LYS D 231 3.52 -25.84 -35.07
C LYS D 231 2.67 -24.81 -34.34
N PRO D 232 1.45 -24.51 -34.85
CA PRO D 232 0.54 -23.61 -34.12
C PRO D 232 0.22 -24.24 -32.76
N THR D 233 0.06 -23.43 -31.73
CA THR D 233 -0.16 -23.94 -30.37
C THR D 233 -1.42 -24.80 -30.17
N ALA D 234 -2.58 -24.24 -30.53
CA ALA D 234 -3.87 -24.91 -30.38
C ALA D 234 -3.85 -26.31 -30.97
N GLU D 235 -3.36 -26.42 -32.19
CA GLU D 235 -3.25 -27.67 -32.93
C GLU D 235 -2.28 -28.68 -32.27
N GLU D 236 -1.08 -28.25 -31.89
CA GLU D 236 -0.13 -29.18 -31.28
C GLU D 236 -0.62 -29.67 -29.94
N PHE D 237 -1.21 -28.76 -29.17
CA PHE D 237 -1.78 -29.09 -27.86
C PHE D 237 -2.79 -30.24 -27.97
N LEU D 238 -3.81 -30.07 -28.83
CA LEU D 238 -4.86 -31.08 -29.02
C LEU D 238 -4.35 -32.42 -29.55
N GLN D 239 -3.41 -32.33 -30.50
CA GLN D 239 -2.83 -33.53 -31.11
C GLN D 239 -2.13 -34.37 -30.04
N ASN D 240 -1.49 -33.72 -29.08
CA ASN D 240 -0.64 -34.38 -28.08
C ASN D 240 -1.27 -34.58 -26.72
N LEU D 241 -2.44 -33.99 -26.48
CA LEU D 241 -3.05 -34.01 -25.16
C LEU D 241 -3.12 -35.42 -24.53
N THR D 242 -3.63 -36.38 -25.29
CA THR D 242 -3.89 -37.74 -24.78
C THR D 242 -2.60 -38.47 -24.37
N VAL D 243 -1.61 -38.51 -25.26
CA VAL D 243 -0.36 -39.19 -24.94
C VAL D 243 0.33 -38.52 -23.75
N VAL D 244 0.39 -37.19 -23.75
CA VAL D 244 1.03 -36.45 -22.68
C VAL D 244 0.28 -36.58 -21.35
N THR D 245 -1.05 -36.73 -21.41
CA THR D 245 -1.86 -36.96 -20.21
C THR D 245 -1.45 -38.27 -19.49
N ALA D 246 -1.20 -39.31 -20.28
CA ALA D 246 -0.73 -40.60 -19.75
C ALA D 246 0.65 -40.44 -19.10
N ALA D 247 1.51 -39.64 -19.73
CA ALA D 247 2.81 -39.35 -19.14
C ALA D 247 2.60 -38.62 -17.80
N LEU D 248 1.72 -37.62 -17.79
CA LEU D 248 1.34 -36.94 -16.52
C LEU D 248 0.91 -37.89 -15.39
N GLU D 249 -0.01 -38.80 -15.68
CA GLU D 249 -0.49 -39.76 -14.67
C GLU D 249 0.66 -40.60 -14.15
N GLY D 250 1.46 -41.12 -15.07
CA GLY D 250 2.62 -41.93 -14.76
C GLY D 250 3.47 -41.28 -13.69
N THR D 251 3.78 -39.99 -13.88
CA THR D 251 4.61 -39.22 -12.96
C THR D 251 3.86 -38.87 -11.66
N ALA D 252 2.59 -38.51 -11.79
CA ALA D 252 1.77 -38.15 -10.62
C ALA D 252 1.68 -39.30 -9.62
N THR D 253 1.44 -40.50 -10.17
CA THR D 253 1.46 -41.74 -9.41
C THR D 253 2.77 -41.94 -8.62
N LYS D 254 3.93 -41.89 -9.29
CA LYS D 254 5.24 -41.99 -8.59
C LYS D 254 5.40 -40.92 -7.51
N VAL D 255 4.91 -39.71 -7.81
CA VAL D 255 4.97 -38.61 -6.87
C VAL D 255 4.16 -38.96 -5.61
N ILE D 256 2.96 -39.50 -5.81
CA ILE D 256 2.12 -39.88 -4.68
C ILE D 256 2.84 -40.95 -3.86
N ASN D 257 3.35 -41.97 -4.56
CA ASN D 257 4.01 -43.09 -3.90
C ASN D 257 5.26 -42.65 -3.14
N PHE D 258 5.99 -41.71 -3.71
CA PHE D 258 7.15 -41.11 -3.05
C PHE D 258 6.78 -40.39 -1.76
N ILE D 259 5.75 -39.54 -1.84
CA ILE D 259 5.31 -38.71 -0.71
C ILE D 259 4.82 -39.54 0.46
N ASN D 260 4.20 -40.68 0.15
CA ASN D 260 3.64 -41.54 1.17
C ASN D 260 4.65 -41.94 2.25
N GLY D 261 4.30 -41.64 3.50
CA GLY D 261 5.14 -42.00 4.63
C GLY D 261 6.10 -40.92 5.08
N ARG D 262 6.35 -39.93 4.23
CA ARG D 262 7.35 -38.92 4.52
C ARG D 262 6.77 -37.69 5.20
N ASN D 263 7.64 -36.89 5.81
CA ASN D 263 7.24 -35.56 6.24
C ASN D 263 7.74 -34.52 5.24
N LEU D 264 7.25 -33.29 5.39
CA LEU D 264 7.56 -32.24 4.44
C LEU D 264 9.07 -32.06 4.27
N SER D 265 9.80 -32.07 5.38
CA SER D 265 11.26 -32.07 5.40
C SER D 265 11.91 -33.16 4.57
N ASP D 266 11.31 -34.35 4.51
CA ASP D 266 11.89 -35.45 3.73
C ASP D 266 11.54 -35.26 2.25
N LEU D 267 10.66 -34.28 2.00
CA LEU D 267 10.01 -33.94 0.71
C LEU D 267 8.50 -34.22 0.55
#